data_4IIR
#
_entry.id   4IIR
#
_cell.length_a   52.500
_cell.length_b   52.500
_cell.length_c   78.790
_cell.angle_alpha   105.290
_cell.angle_beta   103.050
_cell.angle_gamma   93.090
#
_symmetry.space_group_name_H-M   'P 1'
#
loop_
_entity.id
_entity.type
_entity.pdbx_description
1 polymer 'Serine/threonine-protein kinase PRP4 homolog'
2 non-polymer 'PHOSPHOAMINOPHOSPHONIC ACID-ADENYLATE ESTER'
3 non-polymer 'SULFATE ION'
4 non-polymer 'MAGNESIUM ION'
5 water water
#
_entity_poly.entity_id   1
_entity_poly.type   'polypeptide(L)'
_entity_poly.pdbx_seq_one_letter_code
;MDFKENPNLRDNWTDAEGYYRVNIGEVLDKRYNVYGYTGQGVFSNVVRARDNARANQEVAVKIIRNNELMQKTGLKELEF
LKKLNDADPDDKFHCLRLFRHFYHKQHLCLVFEPLSMNLREVLKKYGKDVGLHIKAVRSYSQQLFLALKLLKRCNILHAD
IKPDNILVNESKTILKLCDFGSASHVADNDITP(PTR)LVSRFYRAPEIIIGKSYDYGIDMWSVGCTLYELYTGKILFPG
KTNNHMLKLAMDLKGKMPNKMIRKGVFKDQHFDQNLNFMYIEVDKVTEREKVTVMSTINPTKDLLADLIGCQRLPEDQRK
KVHQLKDLLDQILMLDPAKRISINQALQHAFIQEKIHHHHHH
;
_entity_poly.pdbx_strand_id   A,B
#
loop_
_chem_comp.id
_chem_comp.type
_chem_comp.name
_chem_comp.formula
ANP non-polymer 'PHOSPHOAMINOPHOSPHONIC ACID-ADENYLATE ESTER' 'C10 H17 N6 O12 P3'
MG non-polymer 'MAGNESIUM ION' 'Mg 2'
SO4 non-polymer 'SULFATE ION' 'O4 S -2'
#
# COMPACT_ATOMS: atom_id res chain seq x y z
N TRP A 13 28.02 -14.01 -7.18
CA TRP A 13 26.83 -13.14 -7.16
C TRP A 13 27.18 -11.65 -7.04
N THR A 14 28.29 -11.34 -6.33
CA THR A 14 28.75 -9.96 -6.08
C THR A 14 29.89 -9.59 -7.04
N ASP A 15 29.86 -8.34 -7.55
CA ASP A 15 30.85 -7.75 -8.46
C ASP A 15 32.21 -7.55 -7.77
N ALA A 16 33.26 -7.24 -8.57
CA ALA A 16 34.62 -6.96 -8.09
C ALA A 16 34.63 -5.67 -7.26
N GLU A 17 33.82 -4.67 -7.67
CA GLU A 17 33.66 -3.38 -6.99
C GLU A 17 32.85 -3.57 -5.70
N GLY A 18 31.90 -4.50 -5.72
CA GLY A 18 31.05 -4.84 -4.59
C GLY A 18 29.56 -4.74 -4.84
N TYR A 19 29.16 -4.51 -6.11
CA TYR A 19 27.75 -4.38 -6.49
C TYR A 19 27.05 -5.73 -6.62
N TYR A 20 25.74 -5.75 -6.34
CA TYR A 20 24.92 -6.95 -6.45
C TYR A 20 24.27 -7.05 -7.83
N ARG A 21 24.42 -8.20 -8.48
CA ARG A 21 23.85 -8.47 -9.80
C ARG A 21 22.37 -8.84 -9.63
N VAL A 22 21.49 -7.84 -9.81
CA VAL A 22 20.04 -7.99 -9.67
C VAL A 22 19.42 -8.74 -10.85
N ASN A 23 18.33 -9.49 -10.57
CA ASN A 23 17.60 -10.25 -11.57
C ASN A 23 16.12 -9.90 -11.50
N ILE A 24 15.51 -9.61 -12.68
CA ILE A 24 14.10 -9.27 -12.79
C ILE A 24 13.28 -10.55 -12.58
N GLY A 25 12.46 -10.55 -11.54
CA GLY A 25 11.63 -11.69 -11.18
C GLY A 25 12.09 -12.40 -9.91
N GLU A 26 13.28 -12.03 -9.41
CA GLU A 26 13.87 -12.60 -8.19
C GLU A 26 13.10 -12.13 -6.95
N VAL A 27 12.92 -13.03 -5.98
CA VAL A 27 12.20 -12.75 -4.74
C VAL A 27 13.19 -12.54 -3.59
N LEU A 28 13.21 -11.31 -3.04
CA LEU A 28 14.08 -10.92 -1.93
C LEU A 28 13.34 -11.05 -0.60
N ASP A 29 14.01 -11.60 0.44
CA ASP A 29 13.50 -11.82 1.80
C ASP A 29 12.18 -12.64 1.81
N LYS A 30 12.03 -13.54 0.80
CA LYS A 30 10.87 -14.41 0.56
C LYS A 30 9.53 -13.66 0.44
N ARG A 31 9.57 -12.37 0.02
CA ARG A 31 8.36 -11.54 -0.12
C ARG A 31 8.43 -10.45 -1.20
N TYR A 32 9.61 -9.83 -1.40
CA TYR A 32 9.80 -8.74 -2.36
C TYR A 32 10.14 -9.20 -3.77
N ASN A 33 9.13 -9.22 -4.65
CA ASN A 33 9.29 -9.63 -6.04
C ASN A 33 9.76 -8.45 -6.89
N VAL A 34 11.05 -8.45 -7.27
CA VAL A 34 11.67 -7.40 -8.08
C VAL A 34 11.09 -7.44 -9.50
N TYR A 35 10.51 -6.31 -9.95
CA TYR A 35 9.90 -6.22 -11.28
C TYR A 35 10.56 -5.19 -12.21
N GLY A 36 11.23 -4.19 -11.63
CA GLY A 36 11.88 -3.13 -12.41
C GLY A 36 13.08 -2.46 -11.80
N TYR A 37 13.69 -1.55 -12.58
CA TYR A 37 14.87 -0.76 -12.21
C TYR A 37 14.49 0.69 -11.91
N THR A 38 15.44 1.44 -11.33
CA THR A 38 15.33 2.86 -11.00
C THR A 38 16.70 3.54 -11.18
N GLY A 39 17.75 2.82 -10.79
CA GLY A 39 19.14 3.26 -10.87
C GLY A 39 20.09 2.21 -10.33
N GLN A 40 21.05 1.77 -11.17
CA GLN A 40 22.03 0.74 -10.81
C GLN A 40 23.31 1.30 -10.16
N GLY A 41 24.51 0.91 -10.67
CA GLY A 41 25.83 1.31 -10.17
C GLY A 41 26.07 2.82 -10.12
N SER A 44 24.82 2.30 -4.42
CA SER A 44 23.84 1.26 -4.13
C SER A 44 22.78 1.18 -5.22
N ASN A 45 22.38 -0.04 -5.60
CA ASN A 45 21.36 -0.29 -6.63
C ASN A 45 19.97 -0.25 -6.01
N VAL A 46 19.07 0.60 -6.56
CA VAL A 46 17.70 0.76 -6.08
C VAL A 46 16.73 0.11 -7.07
N VAL A 47 16.01 -0.91 -6.60
CA VAL A 47 15.04 -1.65 -7.41
C VAL A 47 13.61 -1.46 -6.94
N ARG A 48 12.64 -1.61 -7.86
CA ARG A 48 11.22 -1.53 -7.56
C ARG A 48 10.72 -2.95 -7.34
N ALA A 49 10.00 -3.17 -6.24
CA ALA A 49 9.47 -4.50 -5.91
C ALA A 49 8.04 -4.46 -5.38
N ARG A 50 7.36 -5.62 -5.44
CA ARG A 50 6.01 -5.80 -4.91
C ARG A 50 6.10 -6.76 -3.73
N ASP A 51 5.53 -6.35 -2.59
CA ASP A 51 5.55 -7.14 -1.36
C ASP A 51 4.41 -8.16 -1.35
N ASN A 52 4.72 -9.43 -1.68
CA ASN A 52 3.78 -10.56 -1.73
C ASN A 52 3.14 -10.85 -0.36
N ALA A 53 3.83 -10.48 0.73
CA ALA A 53 3.34 -10.67 2.11
C ALA A 53 2.37 -9.56 2.52
N ARG A 54 2.38 -8.43 1.78
CA ARG A 54 1.51 -7.28 2.07
C ARG A 54 0.63 -6.88 0.86
N ALA A 55 -0.09 -7.87 0.28
CA ALA A 55 -1.01 -7.77 -0.85
C ALA A 55 -0.44 -7.07 -2.10
N ASN A 56 0.81 -7.44 -2.47
CA ASN A 56 1.55 -6.90 -3.62
C ASN A 56 1.72 -5.37 -3.62
N GLN A 57 1.87 -4.78 -2.41
CA GLN A 57 2.09 -3.35 -2.27
C GLN A 57 3.48 -2.96 -2.80
N GLU A 58 3.55 -1.81 -3.49
CA GLU A 58 4.77 -1.28 -4.09
C GLU A 58 5.77 -0.86 -3.03
N VAL A 59 7.06 -1.22 -3.23
CA VAL A 59 8.16 -0.87 -2.34
C VAL A 59 9.41 -0.58 -3.19
N ALA A 60 10.36 0.16 -2.61
CA ALA A 60 11.64 0.45 -3.23
C ALA A 60 12.70 -0.19 -2.35
N VAL A 61 13.54 -1.07 -2.93
CA VAL A 61 14.58 -1.76 -2.19
C VAL A 61 15.96 -1.27 -2.60
N LYS A 62 16.68 -0.66 -1.65
CA LYS A 62 18.04 -0.15 -1.85
C LYS A 62 19.01 -1.25 -1.41
N ILE A 63 19.80 -1.77 -2.37
CA ILE A 63 20.77 -2.82 -2.13
C ILE A 63 22.15 -2.19 -2.03
N ILE A 64 22.65 -2.08 -0.79
CA ILE A 64 23.95 -1.45 -0.46
C ILE A 64 25.13 -2.30 -0.93
N ARG A 65 26.12 -1.64 -1.55
CA ARG A 65 27.37 -2.21 -2.06
C ARG A 65 28.12 -2.95 -0.93
N ASN A 66 28.72 -4.11 -1.26
CA ASN A 66 29.43 -4.97 -0.31
C ASN A 66 30.69 -4.32 0.30
N ASN A 67 31.89 -4.67 -0.21
CA ASN A 67 33.22 -4.18 0.23
C ASN A 67 33.37 -3.98 1.75
N GLU A 68 33.95 -2.84 2.20
CA GLU A 68 34.15 -2.53 3.63
C GLU A 68 33.60 -1.15 4.00
N LEU A 69 33.99 -0.11 3.24
CA LEU A 69 33.59 1.28 3.48
C LEU A 69 32.11 1.56 3.19
N MET A 70 31.54 0.92 2.16
CA MET A 70 30.14 1.07 1.75
C MET A 70 29.15 0.47 2.74
N GLN A 71 29.53 -0.66 3.38
CA GLN A 71 28.72 -1.36 4.39
C GLN A 71 28.59 -0.52 5.67
N LYS A 72 29.65 0.25 5.99
CA LYS A 72 29.71 1.14 7.16
C LYS A 72 28.71 2.30 6.97
N THR A 73 28.65 2.87 5.75
CA THR A 73 27.74 3.97 5.40
C THR A 73 26.28 3.52 5.34
N GLY A 74 26.07 2.24 4.99
CA GLY A 74 24.76 1.61 4.93
C GLY A 74 24.11 1.47 6.29
N LEU A 75 24.91 1.03 7.30
CA LEU A 75 24.47 0.87 8.69
C LEU A 75 24.26 2.26 9.32
N LYS A 76 25.06 3.25 8.87
CA LYS A 76 24.99 4.65 9.28
C LYS A 76 23.69 5.26 8.74
N GLU A 77 23.31 4.90 7.50
CA GLU A 77 22.08 5.33 6.83
C GLU A 77 20.86 4.77 7.58
N LEU A 78 20.95 3.50 8.04
CA LEU A 78 19.91 2.78 8.77
C LEU A 78 19.52 3.50 10.07
N GLU A 79 20.53 3.85 10.90
CA GLU A 79 20.30 4.54 12.19
C GLU A 79 19.75 5.95 12.06
N PHE A 80 20.20 6.73 11.04
CA PHE A 80 19.72 8.09 10.81
C PHE A 80 18.28 8.12 10.33
N LEU A 81 17.89 7.18 9.43
CA LEU A 81 16.53 7.07 8.91
C LEU A 81 15.54 6.65 10.02
N LYS A 82 15.97 5.72 10.90
CA LYS A 82 15.17 5.25 12.03
C LYS A 82 14.92 6.40 13.02
N LYS A 83 15.96 7.20 13.31
CA LYS A 83 15.92 8.37 14.21
C LYS A 83 14.93 9.43 13.71
N LEU A 84 14.99 9.78 12.40
CA LEU A 84 14.11 10.77 11.79
C LEU A 84 12.66 10.30 11.69
N ASN A 85 12.45 8.98 11.46
CA ASN A 85 11.12 8.37 11.37
C ASN A 85 10.43 8.33 12.72
N ASP A 86 11.16 7.99 13.79
CA ASP A 86 10.64 7.94 15.16
C ASP A 86 10.30 9.33 15.68
N ALA A 87 11.09 10.35 15.28
CA ALA A 87 10.89 11.75 15.67
C ALA A 87 9.67 12.37 14.94
N ASP A 88 9.29 11.80 13.78
CA ASP A 88 8.17 12.25 12.97
C ASP A 88 7.16 11.09 12.79
N PRO A 89 6.32 10.77 13.80
CA PRO A 89 5.37 9.64 13.66
C PRO A 89 4.26 9.88 12.63
N ASP A 90 3.74 11.11 12.55
CA ASP A 90 2.66 11.49 11.63
C ASP A 90 3.12 11.77 10.19
N ASP A 91 4.44 11.78 9.93
CA ASP A 91 5.07 12.03 8.63
C ASP A 91 4.67 13.38 8.01
N LYS A 92 4.97 14.47 8.73
CA LYS A 92 4.69 15.84 8.29
C LYS A 92 5.95 16.68 8.05
N PHE A 93 7.13 16.06 8.23
CA PHE A 93 8.43 16.73 8.02
C PHE A 93 9.23 16.30 6.78
N HIS A 94 8.52 15.73 5.79
CA HIS A 94 8.99 15.35 4.45
C HIS A 94 10.36 14.65 4.30
N CYS A 95 10.60 13.64 5.14
CA CYS A 95 11.81 12.82 5.08
C CYS A 95 11.40 11.40 4.68
N LEU A 96 12.27 10.72 3.90
CA LEU A 96 12.03 9.37 3.38
C LEU A 96 11.71 8.37 4.50
N ARG A 97 10.69 7.53 4.29
CA ARG A 97 10.26 6.54 5.26
C ARG A 97 10.89 5.18 5.02
N LEU A 98 11.66 4.69 6.01
CA LEU A 98 12.27 3.38 5.99
C LEU A 98 11.24 2.43 6.59
N PHE A 99 10.89 1.38 5.85
CA PHE A 99 9.92 0.39 6.31
C PHE A 99 10.62 -0.61 7.23
N ARG A 100 11.66 -1.29 6.70
CA ARG A 100 12.46 -2.28 7.41
C ARG A 100 13.76 -2.59 6.66
N HIS A 101 14.58 -3.48 7.23
CA HIS A 101 15.85 -3.90 6.62
C HIS A 101 16.04 -5.41 6.70
N PHE A 102 16.80 -5.96 5.74
CA PHE A 102 17.13 -7.37 5.65
C PHE A 102 18.46 -7.55 4.94
N TYR A 103 19.05 -8.76 5.04
CA TYR A 103 20.29 -9.08 4.36
C TYR A 103 20.02 -10.04 3.21
N HIS A 104 20.72 -9.84 2.08
CA HIS A 104 20.57 -10.69 0.90
C HIS A 104 21.91 -10.84 0.20
N LYS A 105 22.45 -12.07 0.23
CA LYS A 105 23.73 -12.46 -0.37
C LYS A 105 24.89 -11.53 0.02
N GLN A 106 24.98 -11.24 1.34
CA GLN A 106 25.98 -10.37 2.01
C GLN A 106 25.69 -8.87 1.93
N HIS A 107 24.66 -8.46 1.16
CA HIS A 107 24.30 -7.05 0.99
C HIS A 107 23.19 -6.62 1.95
N LEU A 108 23.36 -5.44 2.57
CA LEU A 108 22.34 -4.86 3.43
C LEU A 108 21.28 -4.24 2.51
N CYS A 109 20.01 -4.60 2.72
CA CYS A 109 18.90 -4.12 1.91
C CYS A 109 17.93 -3.31 2.73
N LEU A 110 17.65 -2.07 2.28
CA LEU A 110 16.74 -1.16 2.96
C LEU A 110 15.44 -1.07 2.18
N VAL A 111 14.32 -1.35 2.86
CA VAL A 111 12.99 -1.30 2.27
C VAL A 111 12.41 0.09 2.52
N PHE A 112 12.14 0.81 1.44
CA PHE A 112 11.60 2.17 1.49
C PHE A 112 10.20 2.28 0.92
N GLU A 113 9.53 3.39 1.24
CA GLU A 113 8.22 3.74 0.71
C GLU A 113 8.38 3.97 -0.81
N PRO A 114 7.41 3.57 -1.66
CA PRO A 114 7.60 3.79 -3.10
C PRO A 114 7.37 5.24 -3.49
N LEU A 115 8.24 5.77 -4.36
CA LEU A 115 8.14 7.14 -4.87
C LEU A 115 8.35 7.15 -6.39
N SER A 116 7.79 8.16 -7.08
CA SER A 116 7.83 8.26 -8.54
C SER A 116 9.20 8.57 -9.15
N MET A 117 9.69 9.83 -9.03
CA MET A 117 10.95 10.30 -9.63
C MET A 117 11.67 11.25 -8.67
N ASN A 118 12.97 11.51 -8.94
CA ASN A 118 13.73 12.51 -8.20
C ASN A 118 13.53 13.88 -8.90
N LEU A 119 13.89 15.00 -8.25
CA LEU A 119 13.69 16.33 -8.82
C LEU A 119 14.52 16.64 -10.07
N ARG A 120 15.67 15.95 -10.25
CA ARG A 120 16.53 16.08 -11.42
C ARG A 120 15.79 15.51 -12.65
N GLU A 121 15.08 14.37 -12.45
CA GLU A 121 14.30 13.69 -13.47
C GLU A 121 13.08 14.52 -13.90
N VAL A 122 12.41 15.20 -12.94
CA VAL A 122 11.24 16.03 -13.25
C VAL A 122 11.61 17.28 -14.06
N LEU A 123 12.78 17.90 -13.76
CA LEU A 123 13.29 19.08 -14.47
C LEU A 123 13.61 18.75 -15.93
N LYS A 124 14.11 17.52 -16.20
CA LYS A 124 14.41 17.01 -17.54
C LYS A 124 13.13 16.88 -18.36
N LYS A 125 12.02 16.46 -17.69
CA LYS A 125 10.70 16.31 -18.32
C LYS A 125 10.03 17.68 -18.54
N TYR A 126 10.47 18.71 -17.78
CA TYR A 126 9.96 20.07 -17.91
C TYR A 126 10.59 20.82 -19.09
N GLY A 127 11.78 20.39 -19.50
CA GLY A 127 12.48 20.96 -20.64
C GLY A 127 13.80 21.63 -20.37
N LYS A 128 14.49 22.02 -21.46
CA LYS A 128 15.79 22.69 -21.45
C LYS A 128 15.65 24.10 -20.88
N ASP A 129 16.17 24.30 -19.65
CA ASP A 129 16.15 25.56 -18.87
C ASP A 129 14.74 26.14 -18.65
N VAL A 130 13.72 25.27 -18.53
CA VAL A 130 12.34 25.67 -18.32
C VAL A 130 12.02 25.87 -16.84
N GLY A 131 12.32 24.85 -16.02
CA GLY A 131 12.04 24.89 -14.59
C GLY A 131 10.57 24.68 -14.26
N LEU A 132 10.27 24.51 -12.97
CA LEU A 132 8.91 24.29 -12.47
C LEU A 132 8.13 25.60 -12.40
N HIS A 133 6.79 25.49 -12.26
CA HIS A 133 5.90 26.65 -12.10
C HIS A 133 6.14 27.22 -10.70
N ILE A 134 6.04 28.55 -10.54
CA ILE A 134 6.26 29.26 -9.27
C ILE A 134 5.45 28.71 -8.08
N LYS A 135 4.23 28.19 -8.34
CA LYS A 135 3.35 27.59 -7.33
C LYS A 135 3.94 26.29 -6.80
N ALA A 136 4.53 25.47 -7.70
CA ALA A 136 5.18 24.21 -7.34
C ALA A 136 6.45 24.46 -6.53
N VAL A 137 7.26 25.48 -6.94
CA VAL A 137 8.49 25.90 -6.26
C VAL A 137 8.15 26.38 -4.83
N ARG A 138 7.01 27.10 -4.68
CA ARG A 138 6.50 27.59 -3.39
C ARG A 138 6.19 26.43 -2.45
N SER A 139 5.46 25.42 -2.93
CA SER A 139 5.08 24.23 -2.17
C SER A 139 6.31 23.39 -1.82
N TYR A 140 7.22 23.20 -2.80
CA TYR A 140 8.46 22.43 -2.62
C TYR A 140 9.40 23.05 -1.59
N SER A 141 9.54 24.40 -1.60
CA SER A 141 10.39 25.12 -0.64
C SER A 141 9.93 24.90 0.79
N GLN A 142 8.61 25.03 1.06
CA GLN A 142 8.00 24.83 2.37
C GLN A 142 8.28 23.41 2.89
N GLN A 143 8.11 22.41 2.01
CA GLN A 143 8.35 20.99 2.34
C GLN A 143 9.83 20.73 2.62
N LEU A 144 10.73 21.39 1.85
CA LEU A 144 12.18 21.28 2.05
C LEU A 144 12.59 21.95 3.34
N PHE A 145 11.96 23.10 3.69
CA PHE A 145 12.24 23.79 4.95
C PHE A 145 11.76 22.98 6.16
N LEU A 146 10.67 22.19 5.98
CA LEU A 146 10.14 21.31 7.01
C LEU A 146 11.09 20.14 7.26
N ALA A 147 11.78 19.67 6.19
CA ALA A 147 12.79 18.61 6.28
C ALA A 147 13.99 19.10 7.08
N LEU A 148 14.40 20.37 6.88
CA LEU A 148 15.51 21.01 7.61
C LEU A 148 15.19 21.13 9.09
N LYS A 149 13.91 21.39 9.42
CA LYS A 149 13.41 21.49 10.80
C LYS A 149 13.61 20.17 11.55
N LEU A 150 13.21 19.03 10.93
CA LEU A 150 13.38 17.69 11.52
C LEU A 150 14.84 17.31 11.61
N LEU A 151 15.64 17.69 10.58
CA LEU A 151 17.08 17.47 10.51
C LEU A 151 17.76 18.19 11.68
N LYS A 152 17.31 19.43 11.99
CA LYS A 152 17.83 20.25 13.09
C LYS A 152 17.31 19.77 14.46
N ARG A 153 16.05 19.27 14.54
CA ARG A 153 15.44 18.74 15.77
C ARG A 153 16.27 17.55 16.25
N CYS A 154 16.64 16.66 15.31
CA CYS A 154 17.54 15.53 15.54
C CYS A 154 18.94 16.13 15.38
N ASN A 155 20.00 15.44 15.78
CA ASN A 155 21.32 16.05 15.59
C ASN A 155 21.97 15.53 14.31
N ILE A 156 21.29 15.76 13.16
CA ILE A 156 21.68 15.26 11.84
C ILE A 156 21.90 16.34 10.79
N LEU A 157 22.97 16.16 10.00
CA LEU A 157 23.35 16.97 8.85
C LEU A 157 23.19 16.04 7.64
N HIS A 158 22.38 16.43 6.63
CA HIS A 158 22.16 15.60 5.43
C HIS A 158 23.42 15.55 4.58
N ALA A 159 24.08 16.71 4.39
CA ALA A 159 25.33 16.89 3.64
C ALA A 159 25.29 16.51 2.15
N ASP A 160 24.09 16.41 1.53
CA ASP A 160 23.95 16.10 0.10
C ASP A 160 22.59 16.50 -0.50
N ILE A 161 22.02 17.64 -0.04
CA ILE A 161 20.74 18.14 -0.55
C ILE A 161 20.95 18.72 -1.95
N LYS A 162 20.27 18.11 -2.92
CA LYS A 162 20.32 18.47 -4.36
C LYS A 162 19.11 17.84 -5.07
N PRO A 163 18.67 18.34 -6.26
CA PRO A 163 17.50 17.73 -6.94
C PRO A 163 17.53 16.21 -7.11
N ASP A 164 18.72 15.62 -7.25
CA ASP A 164 18.90 14.16 -7.41
C ASP A 164 18.49 13.39 -6.15
N ASN A 165 18.64 14.02 -4.95
CA ASN A 165 18.33 13.40 -3.66
C ASN A 165 16.99 13.79 -3.05
N ILE A 166 16.11 14.42 -3.84
CA ILE A 166 14.77 14.80 -3.41
C ILE A 166 13.80 14.07 -4.33
N LEU A 167 12.96 13.21 -3.77
CA LEU A 167 12.01 12.43 -4.53
C LEU A 167 10.59 12.92 -4.38
N VAL A 168 9.78 12.69 -5.40
CA VAL A 168 8.39 13.15 -5.44
C VAL A 168 7.42 11.98 -5.66
N ASN A 169 6.18 12.10 -5.18
CA ASN A 169 5.16 11.06 -5.36
C ASN A 169 4.59 11.09 -6.79
N GLU A 170 3.68 10.16 -7.13
CA GLU A 170 3.05 10.04 -8.45
C GLU A 170 2.41 11.34 -8.95
N SER A 171 1.61 12.00 -8.09
CA SER A 171 0.91 13.26 -8.40
C SER A 171 1.84 14.49 -8.39
N LYS A 172 3.11 14.31 -7.94
CA LYS A 172 4.14 15.35 -7.83
C LYS A 172 3.78 16.48 -6.83
N THR A 173 2.92 16.18 -5.85
CA THR A 173 2.47 17.15 -4.85
C THR A 173 3.28 17.05 -3.56
N ILE A 174 3.79 15.85 -3.23
CA ILE A 174 4.56 15.61 -2.01
C ILE A 174 6.01 15.23 -2.32
N LEU A 175 6.96 15.96 -1.72
CA LEU A 175 8.38 15.62 -1.86
C LEU A 175 8.91 14.94 -0.61
N LYS A 176 10.02 14.22 -0.74
CA LYS A 176 10.69 13.54 0.35
C LYS A 176 12.19 13.64 0.18
N LEU A 177 12.90 14.07 1.24
CA LEU A 177 14.35 14.15 1.25
C LEU A 177 14.86 12.72 1.38
N CYS A 178 15.68 12.27 0.41
CA CYS A 178 16.21 10.91 0.35
CA CYS A 178 16.22 10.91 0.36
C CYS A 178 17.75 10.89 0.39
N ASP A 179 18.35 9.67 0.34
CA ASP A 179 19.79 9.40 0.35
C ASP A 179 20.52 9.99 1.55
N PHE A 180 20.50 9.27 2.67
CA PHE A 180 21.15 9.64 3.91
C PHE A 180 22.49 8.90 4.07
N GLY A 181 23.05 8.46 2.94
CA GLY A 181 24.32 7.74 2.85
C GLY A 181 25.54 8.58 3.21
N SER A 182 25.48 9.90 2.95
CA SER A 182 26.56 10.82 3.27
C SER A 182 26.22 11.72 4.47
N ALA A 183 25.13 11.39 5.20
CA ALA A 183 24.68 12.14 6.38
C ALA A 183 25.64 11.96 7.56
N SER A 184 25.67 12.96 8.48
CA SER A 184 26.54 12.93 9.65
C SER A 184 25.96 13.65 10.86
N HIS A 185 26.48 13.33 12.06
CA HIS A 185 26.08 13.94 13.33
C HIS A 185 26.78 15.30 13.48
N VAL A 186 26.14 16.26 14.18
CA VAL A 186 26.68 17.61 14.40
C VAL A 186 27.92 17.67 15.28
N ALA A 187 28.03 16.77 16.27
CA ALA A 187 29.17 16.68 17.19
C ALA A 187 30.44 16.28 16.43
N ASP A 188 30.26 15.52 15.32
CA ASP A 188 31.33 15.08 14.43
C ASP A 188 31.70 16.26 13.53
N ASN A 189 32.96 16.70 13.59
CA ASN A 189 33.44 17.82 12.78
C ASN A 189 34.64 17.42 11.93
N ASP A 190 34.34 16.74 10.79
CA ASP A 190 35.36 16.28 9.85
C ASP A 190 35.81 17.47 9.01
N ILE A 191 37.08 17.89 9.19
CA ILE A 191 37.67 19.02 8.46
C ILE A 191 38.04 18.64 7.03
N THR A 192 37.02 18.62 6.16
CA THR A 192 37.16 18.26 4.74
C THR A 192 36.52 19.29 3.81
N PRO A 193 37.24 19.76 2.75
CA PRO A 193 36.63 20.73 1.82
C PRO A 193 35.83 20.09 0.69
N PTR A 194 35.66 18.75 0.73
CA PTR A 194 34.94 18.01 -0.30
C PTR A 194 33.56 17.49 0.17
O PTR A 194 32.92 16.72 -0.55
CB PTR A 194 35.81 16.88 -0.86
CG PTR A 194 37.11 17.43 -1.42
CD1 PTR A 194 37.10 18.47 -2.38
CD2 PTR A 194 38.33 16.90 -0.98
CE1 PTR A 194 38.30 18.97 -2.89
CE2 PTR A 194 39.54 17.40 -1.50
CZ PTR A 194 39.54 18.46 -2.45
OH PTR A 194 40.68 19.00 -3.03
P PTR A 194 41.92 19.20 -2.12
O1P PTR A 194 42.86 20.18 -2.82
O2P PTR A 194 41.54 19.77 -0.75
O3P PTR A 194 42.65 17.87 -1.95
N LEU A 195 33.12 17.92 1.37
CA LEU A 195 31.84 17.57 1.95
C LEU A 195 30.75 18.29 1.15
N VAL A 196 29.64 17.57 0.80
CA VAL A 196 28.50 18.04 -0.03
C VAL A 196 28.90 18.09 -1.52
N SER A 197 27.99 17.68 -2.45
CA SER A 197 28.23 17.75 -3.89
C SER A 197 28.64 19.18 -4.25
N ARG A 198 29.80 19.32 -4.91
CA ARG A 198 30.45 20.58 -5.28
C ARG A 198 29.57 21.80 -5.59
N PHE A 199 28.56 21.64 -6.48
CA PHE A 199 27.68 22.75 -6.86
C PHE A 199 26.81 23.28 -5.72
N TYR A 200 26.53 22.43 -4.72
CA TYR A 200 25.65 22.72 -3.58
C TYR A 200 26.46 22.88 -2.27
N ARG A 201 27.79 22.98 -2.40
CA ARG A 201 28.73 23.11 -1.29
C ARG A 201 28.79 24.54 -0.76
N ALA A 202 28.56 24.68 0.56
CA ALA A 202 28.56 25.97 1.27
C ALA A 202 29.98 26.57 1.39
N PRO A 203 30.16 27.91 1.36
CA PRO A 203 31.51 28.49 1.45
C PRO A 203 32.29 28.15 2.73
N GLU A 204 31.59 27.88 3.85
CA GLU A 204 32.22 27.51 5.13
C GLU A 204 32.92 26.14 5.10
N ILE A 205 32.48 25.24 4.19
CA ILE A 205 33.07 23.90 3.97
C ILE A 205 34.42 24.10 3.26
N ILE A 206 34.41 24.86 2.15
CA ILE A 206 35.57 25.16 1.30
C ILE A 206 36.68 25.88 2.06
N ILE A 207 36.32 26.93 2.84
CA ILE A 207 37.27 27.72 3.63
C ILE A 207 37.83 26.97 4.86
N GLY A 208 37.09 25.96 5.33
CA GLY A 208 37.46 25.16 6.49
C GLY A 208 37.00 25.74 7.82
N LYS A 209 35.85 26.42 7.80
CA LYS A 209 35.22 27.05 8.97
C LYS A 209 34.33 26.01 9.67
N SER A 210 34.08 26.20 10.98
CA SER A 210 33.20 25.33 11.77
C SER A 210 31.78 25.43 11.20
N TYR A 211 31.24 24.30 10.74
CA TYR A 211 29.93 24.24 10.09
C TYR A 211 28.86 23.51 10.89
N ASP A 212 27.58 23.84 10.61
CA ASP A 212 26.43 23.22 11.25
C ASP A 212 25.29 23.03 10.23
N TYR A 213 24.02 23.20 10.65
CA TYR A 213 22.80 23.05 9.84
C TYR A 213 22.70 24.02 8.66
N GLY A 214 23.50 25.09 8.70
CA GLY A 214 23.58 26.11 7.65
C GLY A 214 23.99 25.58 6.30
N ILE A 215 24.81 24.50 6.27
CA ILE A 215 25.27 23.86 5.03
C ILE A 215 24.11 23.25 4.26
N ASP A 216 23.13 22.69 5.00
CA ASP A 216 21.93 22.10 4.44
C ASP A 216 20.98 23.20 3.97
N MET A 217 20.98 24.37 4.65
CA MET A 217 20.17 25.54 4.27
C MET A 217 20.70 26.11 2.94
N TRP A 218 22.05 26.25 2.82
CA TRP A 218 22.74 26.73 1.62
C TRP A 218 22.36 25.85 0.43
N SER A 219 22.46 24.51 0.61
CA SER A 219 22.12 23.50 -0.39
C SER A 219 20.66 23.60 -0.87
N VAL A 220 19.74 23.97 0.05
CA VAL A 220 18.32 24.18 -0.28
C VAL A 220 18.18 25.40 -1.21
N GLY A 221 18.89 26.48 -0.89
CA GLY A 221 18.92 27.70 -1.68
C GLY A 221 19.39 27.49 -3.11
N CYS A 222 20.46 26.68 -3.28
CA CYS A 222 21.00 26.31 -4.59
C CYS A 222 19.95 25.51 -5.38
N THR A 223 19.23 24.60 -4.69
CA THR A 223 18.17 23.75 -5.24
C THR A 223 16.95 24.57 -5.69
N LEU A 224 16.51 25.55 -4.86
CA LEU A 224 15.36 26.40 -5.14
C LEU A 224 15.51 27.27 -6.38
N TYR A 225 16.74 27.75 -6.65
CA TYR A 225 17.06 28.53 -7.85
C TYR A 225 16.97 27.59 -9.06
N GLU A 226 17.53 26.37 -8.92
CA GLU A 226 17.57 25.33 -9.95
C GLU A 226 16.19 24.80 -10.29
N LEU A 227 15.29 24.71 -9.29
CA LEU A 227 13.92 24.23 -9.45
C LEU A 227 13.08 25.16 -10.32
N TYR A 228 13.31 26.48 -10.24
CA TYR A 228 12.57 27.47 -11.03
C TYR A 228 13.23 27.80 -12.38
N THR A 229 14.57 27.83 -12.45
CA THR A 229 15.30 28.17 -13.69
C THR A 229 15.63 26.96 -14.56
N GLY A 230 15.86 25.80 -13.93
CA GLY A 230 16.25 24.59 -14.62
C GLY A 230 17.76 24.54 -14.85
N LYS A 231 18.48 25.54 -14.30
CA LYS A 231 19.94 25.71 -14.41
C LYS A 231 20.59 25.66 -13.04
N ILE A 232 21.83 25.14 -12.98
CA ILE A 232 22.65 25.07 -11.76
C ILE A 232 23.10 26.49 -11.39
N LEU A 233 22.94 26.88 -10.11
CA LEU A 233 23.30 28.21 -9.60
C LEU A 233 24.79 28.48 -9.78
N PHE A 234 25.64 27.70 -9.10
CA PHE A 234 27.10 27.85 -9.17
C PHE A 234 27.74 26.59 -9.78
N PRO A 235 27.86 26.51 -11.13
CA PRO A 235 28.47 25.31 -11.73
C PRO A 235 29.99 25.41 -11.80
N GLY A 236 30.62 25.52 -10.63
CA GLY A 236 32.06 25.64 -10.47
C GLY A 236 32.83 24.36 -10.75
N LYS A 237 33.95 24.50 -11.48
CA LYS A 237 34.84 23.39 -11.86
C LYS A 237 35.64 22.86 -10.66
N THR A 238 36.04 23.76 -9.74
CA THR A 238 36.83 23.46 -8.55
C THR A 238 36.29 24.25 -7.33
N ASN A 239 36.85 23.98 -6.13
CA ASN A 239 36.51 24.65 -4.88
C ASN A 239 36.80 26.16 -4.92
N ASN A 240 37.87 26.56 -5.63
CA ASN A 240 38.26 27.96 -5.79
C ASN A 240 37.27 28.69 -6.71
N HIS A 241 36.83 28.03 -7.80
CA HIS A 241 35.86 28.60 -8.75
C HIS A 241 34.49 28.74 -8.09
N MET A 242 34.16 27.84 -7.12
CA MET A 242 32.92 27.86 -6.36
C MET A 242 32.83 29.12 -5.51
N LEU A 243 33.95 29.53 -4.89
CA LEU A 243 34.03 30.74 -4.07
C LEU A 243 33.87 31.99 -4.93
N LYS A 244 34.52 32.02 -6.12
CA LYS A 244 34.44 33.12 -7.09
C LYS A 244 32.99 33.36 -7.53
N LEU A 245 32.27 32.28 -7.88
CA LEU A 245 30.86 32.34 -8.30
C LEU A 245 29.94 32.78 -7.16
N ALA A 246 30.26 32.35 -5.92
CA ALA A 246 29.51 32.74 -4.72
C ALA A 246 29.75 34.22 -4.40
N MET A 247 30.98 34.71 -4.66
CA MET A 247 31.36 36.11 -4.44
C MET A 247 30.90 37.01 -5.60
N ASP A 248 30.57 36.42 -6.77
CA ASP A 248 30.06 37.16 -7.94
C ASP A 248 28.63 37.65 -7.68
N LEU A 249 27.97 37.12 -6.64
CA LEU A 249 26.61 37.45 -6.25
C LEU A 249 26.54 38.35 -5.00
N LYS A 250 27.28 37.99 -3.94
CA LYS A 250 27.27 38.69 -2.65
C LYS A 250 28.49 39.57 -2.35
N GLY A 251 29.50 39.54 -3.23
CA GLY A 251 30.73 40.28 -3.02
C GLY A 251 31.73 39.46 -2.23
N LYS A 252 32.92 40.03 -1.96
CA LYS A 252 33.98 39.35 -1.20
C LYS A 252 33.52 38.89 0.19
N MET A 253 34.03 37.73 0.62
CA MET A 253 33.78 37.08 1.91
C MET A 253 34.21 38.03 3.05
N PRO A 254 33.44 38.16 4.16
CA PRO A 254 33.88 39.04 5.26
C PRO A 254 35.20 38.59 5.88
N ASN A 255 36.06 39.56 6.25
CA ASN A 255 37.39 39.35 6.84
C ASN A 255 37.37 38.45 8.08
N LYS A 256 36.34 38.58 8.94
CA LYS A 256 36.16 37.79 10.15
C LYS A 256 35.88 36.32 9.85
N MET A 257 35.23 36.04 8.70
CA MET A 257 34.91 34.67 8.27
C MET A 257 36.15 33.97 7.71
N ILE A 258 36.95 34.67 6.87
CA ILE A 258 38.17 34.16 6.23
C ILE A 258 39.16 33.66 7.30
N ARG A 259 39.41 34.46 8.36
CA ARG A 259 40.33 34.14 9.45
C ARG A 259 39.93 32.89 10.26
N LYS A 260 38.62 32.63 10.40
CA LYS A 260 38.07 31.48 11.15
C LYS A 260 38.30 30.12 10.47
N GLY A 261 38.53 30.12 9.16
CA GLY A 261 38.76 28.92 8.38
C GLY A 261 40.09 28.25 8.61
N VAL A 262 40.29 27.08 7.97
CA VAL A 262 41.50 26.27 8.05
C VAL A 262 42.25 26.36 6.70
N PHE A 263 41.50 26.26 5.58
CA PHE A 263 42.05 26.34 4.21
C PHE A 263 42.05 27.79 3.69
N LYS A 264 42.47 28.74 4.55
CA LYS A 264 42.53 30.18 4.27
C LYS A 264 43.56 30.47 3.16
N ASP A 265 44.79 29.98 3.33
CA ASP A 265 45.94 30.15 2.43
C ASP A 265 45.73 29.59 1.01
N GLN A 266 44.89 28.56 0.85
CA GLN A 266 44.60 27.93 -0.43
C GLN A 266 43.77 28.81 -1.39
N HIS A 267 43.02 29.80 -0.84
CA HIS A 267 42.17 30.68 -1.63
C HIS A 267 42.44 32.18 -1.38
N PHE A 268 42.89 32.54 -0.17
CA PHE A 268 43.17 33.93 0.22
C PHE A 268 44.62 34.11 0.68
N ASP A 269 45.22 35.28 0.37
CA ASP A 269 46.58 35.62 0.77
C ASP A 269 46.63 36.27 2.17
N GLN A 270 47.84 36.70 2.61
CA GLN A 270 48.07 37.34 3.92
C GLN A 270 47.30 38.66 4.07
N ASN A 271 47.08 39.39 2.95
CA ASN A 271 46.34 40.66 2.91
C ASN A 271 44.82 40.44 2.78
N LEU A 272 44.36 39.18 2.95
CA LEU A 272 42.97 38.72 2.88
C LEU A 272 42.29 38.96 1.51
N ASN A 273 43.10 38.91 0.44
CA ASN A 273 42.64 39.08 -0.95
C ASN A 273 42.51 37.71 -1.63
N PHE A 274 41.42 37.52 -2.39
CA PHE A 274 41.14 36.25 -3.08
C PHE A 274 42.04 36.02 -4.29
N MET A 275 42.57 34.79 -4.41
CA MET A 275 43.44 34.36 -5.51
C MET A 275 42.65 33.46 -6.46
N TYR A 276 42.21 34.01 -7.60
CA TYR A 276 41.43 33.29 -8.60
C TYR A 276 42.32 32.54 -9.59
N ILE A 277 42.06 31.23 -9.77
CA ILE A 277 42.81 30.35 -10.66
C ILE A 277 42.10 30.21 -12.02
N GLU A 278 42.86 30.39 -13.12
CA GLU A 278 42.38 30.30 -14.50
C GLU A 278 43.27 29.38 -15.34
N ARG A 285 50.49 26.64 -17.22
CA ARG A 285 49.12 27.08 -17.51
C ARG A 285 48.25 27.23 -16.24
N GLU A 286 48.91 27.44 -15.08
CA GLU A 286 48.28 27.60 -13.76
C GLU A 286 47.40 28.85 -13.69
N LYS A 287 47.99 30.05 -13.94
CA LYS A 287 47.35 31.37 -13.96
C LYS A 287 46.63 31.77 -12.66
N VAL A 288 47.30 32.60 -11.83
CA VAL A 288 46.77 33.09 -10.55
C VAL A 288 46.58 34.61 -10.61
N THR A 289 45.36 35.09 -10.30
CA THR A 289 45.01 36.52 -10.30
C THR A 289 44.54 36.98 -8.92
N VAL A 290 45.19 38.03 -8.38
CA VAL A 290 44.89 38.61 -7.07
C VAL A 290 43.72 39.59 -7.20
N MET A 291 42.67 39.40 -6.36
CA MET A 291 41.48 40.23 -6.34
C MET A 291 41.24 40.85 -4.96
N SER A 292 41.33 42.19 -4.87
CA SER A 292 41.13 42.94 -3.65
C SER A 292 39.64 43.09 -3.32
N THR A 293 38.81 43.37 -4.33
CA THR A 293 37.36 43.54 -4.22
C THR A 293 36.64 42.85 -5.38
N ILE A 294 35.58 42.09 -5.06
CA ILE A 294 34.75 41.39 -6.06
C ILE A 294 33.39 42.10 -6.07
N ASN A 295 33.06 42.74 -7.20
CA ASN A 295 31.80 43.47 -7.36
C ASN A 295 30.63 42.53 -7.69
N PRO A 296 29.45 42.69 -7.04
CA PRO A 296 28.31 41.80 -7.35
C PRO A 296 27.77 42.04 -8.75
N THR A 297 28.15 41.16 -9.69
CA THR A 297 27.76 41.24 -11.10
C THR A 297 26.54 40.38 -11.46
N LYS A 298 26.39 39.21 -10.81
CA LYS A 298 25.28 38.31 -11.09
C LYS A 298 23.93 38.85 -10.60
N ASP A 299 22.97 38.95 -11.54
CA ASP A 299 21.62 39.43 -11.29
C ASP A 299 20.67 38.23 -11.19
N LEU A 300 20.16 37.95 -9.97
CA LEU A 300 19.25 36.83 -9.72
C LEU A 300 17.90 37.06 -10.40
N LEU A 301 17.36 38.30 -10.32
CA LEU A 301 16.08 38.71 -10.89
C LEU A 301 16.02 38.52 -12.41
N ALA A 302 17.11 38.88 -13.12
CA ALA A 302 17.22 38.74 -14.57
C ALA A 302 17.29 37.26 -14.98
N ASP A 303 18.02 36.44 -14.19
CA ASP A 303 18.18 35.00 -14.45
C ASP A 303 16.92 34.21 -14.11
N LEU A 304 16.15 34.63 -13.08
CA LEU A 304 14.91 33.96 -12.67
C LEU A 304 13.77 34.20 -13.67
N ILE A 305 13.53 35.49 -14.05
CA ILE A 305 12.49 35.87 -15.01
C ILE A 305 12.90 35.46 -16.43
N LEU A 310 5.39 35.96 -16.14
CA LEU A 310 4.68 36.91 -17.01
C LEU A 310 3.51 37.65 -16.33
N PRO A 311 2.49 36.98 -15.73
CA PRO A 311 1.40 37.76 -15.10
C PRO A 311 1.82 38.39 -13.77
N GLU A 312 1.13 39.46 -13.34
CA GLU A 312 1.41 40.22 -12.10
C GLU A 312 1.44 39.36 -10.83
N ASP A 313 0.54 38.36 -10.73
CA ASP A 313 0.48 37.45 -9.57
C ASP A 313 1.72 36.55 -9.49
N GLN A 314 2.19 36.06 -10.66
CA GLN A 314 3.39 35.21 -10.78
C GLN A 314 4.66 36.04 -10.62
N ARG A 315 4.70 37.25 -11.23
CA ARG A 315 5.82 38.20 -11.18
C ARG A 315 6.16 38.61 -9.74
N LYS A 316 5.11 38.85 -8.92
CA LYS A 316 5.25 39.23 -7.50
C LYS A 316 5.86 38.07 -6.70
N LYS A 317 5.50 36.82 -7.06
CA LYS A 317 6.00 35.61 -6.40
C LYS A 317 7.47 35.34 -6.73
N VAL A 318 7.91 35.65 -7.97
CA VAL A 318 9.31 35.50 -8.43
C VAL A 318 10.20 36.48 -7.63
N HIS A 319 9.69 37.71 -7.41
CA HIS A 319 10.36 38.76 -6.63
C HIS A 319 10.52 38.34 -5.17
N GLN A 320 9.51 37.63 -4.62
CA GLN A 320 9.50 37.11 -3.25
C GLN A 320 10.51 35.95 -3.11
N LEU A 321 10.65 35.12 -4.16
CA LEU A 321 11.63 34.01 -4.22
C LEU A 321 13.03 34.61 -4.24
N LYS A 322 13.23 35.67 -5.06
CA LYS A 322 14.47 36.43 -5.21
C LYS A 322 14.98 36.93 -3.84
N ASP A 323 14.08 37.52 -3.02
CA ASP A 323 14.40 38.04 -1.69
C ASP A 323 14.75 36.91 -0.72
N LEU A 324 14.06 35.75 -0.85
CA LEU A 324 14.29 34.56 -0.03
C LEU A 324 15.67 33.96 -0.36
N LEU A 325 16.04 33.90 -1.65
CA LEU A 325 17.34 33.40 -2.10
C LEU A 325 18.48 34.29 -1.62
N ASP A 326 18.26 35.63 -1.59
CA ASP A 326 19.22 36.62 -1.11
C ASP A 326 19.56 36.34 0.36
N GLN A 327 18.54 35.98 1.17
CA GLN A 327 18.66 35.67 2.59
C GLN A 327 19.30 34.31 2.87
N ILE A 328 19.08 33.32 1.99
CA ILE A 328 19.67 31.98 2.12
C ILE A 328 21.13 32.03 1.66
N LEU A 329 21.41 32.69 0.53
CA LEU A 329 22.75 32.73 -0.07
C LEU A 329 23.77 33.69 0.55
N MET A 330 23.65 33.94 1.87
CA MET A 330 24.60 34.77 2.61
C MET A 330 25.85 33.92 2.84
N LEU A 331 27.04 34.47 2.56
CA LEU A 331 28.31 33.75 2.70
C LEU A 331 28.59 33.32 4.14
N ASP A 332 28.28 34.19 5.12
CA ASP A 332 28.47 33.90 6.53
C ASP A 332 27.24 33.13 7.06
N PRO A 333 27.41 31.89 7.57
CA PRO A 333 26.24 31.12 8.07
C PRO A 333 25.54 31.75 9.28
N ALA A 334 26.21 32.69 9.98
CA ALA A 334 25.66 33.40 11.14
C ALA A 334 24.64 34.46 10.69
N LYS A 335 24.78 34.96 9.45
CA LYS A 335 23.89 35.97 8.85
C LYS A 335 22.79 35.33 8.00
N ARG A 336 22.81 33.98 7.89
CA ARG A 336 21.87 33.19 7.11
C ARG A 336 20.49 33.13 7.75
N ILE A 337 19.43 33.12 6.91
CA ILE A 337 18.04 33.00 7.35
C ILE A 337 17.83 31.66 8.08
N SER A 338 17.11 31.67 9.21
CA SER A 338 16.82 30.47 9.98
C SER A 338 15.69 29.66 9.32
N ILE A 339 15.47 28.41 9.79
CA ILE A 339 14.41 27.51 9.28
C ILE A 339 13.02 28.12 9.52
N ASN A 340 12.78 28.64 10.75
CA ASN A 340 11.51 29.27 11.15
C ASN A 340 11.20 30.52 10.33
N GLN A 341 12.22 31.38 10.09
CA GLN A 341 12.07 32.61 9.31
C GLN A 341 11.86 32.32 7.82
N ALA A 342 12.44 31.20 7.32
CA ALA A 342 12.28 30.77 5.93
C ALA A 342 10.85 30.29 5.71
N LEU A 343 10.27 29.56 6.69
CA LEU A 343 8.89 29.07 6.66
C LEU A 343 7.88 30.21 6.79
N GLN A 344 8.26 31.30 7.51
CA GLN A 344 7.42 32.47 7.74
C GLN A 344 7.62 33.58 6.69
N HIS A 345 8.54 33.37 5.72
CA HIS A 345 8.85 34.33 4.64
C HIS A 345 7.62 34.56 3.74
N ALA A 346 7.52 35.77 3.16
CA ALA A 346 6.44 36.22 2.28
C ALA A 346 6.18 35.28 1.09
N PHE A 347 7.25 34.65 0.55
CA PHE A 347 7.17 33.71 -0.56
C PHE A 347 6.35 32.46 -0.20
N ILE A 348 6.45 31.98 1.06
CA ILE A 348 5.73 30.81 1.56
C ILE A 348 4.31 31.18 2.01
N GLN A 349 4.19 32.21 2.88
CA GLN A 349 2.92 32.67 3.46
C GLN A 349 1.95 33.30 2.44
N GLU A 350 2.47 33.80 1.29
CA GLU A 350 1.75 34.45 0.18
C GLU A 350 1.09 35.80 0.47
N ASP B 15 -18.56 -1.87 26.10
CA ASP B 15 -19.93 -2.25 26.47
C ASP B 15 -20.02 -3.70 26.98
N ALA B 16 -21.18 -4.06 27.59
CA ALA B 16 -21.46 -5.39 28.13
C ALA B 16 -21.55 -6.47 27.04
N GLU B 17 -21.96 -6.08 25.81
CA GLU B 17 -22.08 -6.96 24.65
C GLU B 17 -20.73 -7.51 24.17
N GLY B 18 -19.67 -6.75 24.41
CA GLY B 18 -18.31 -7.11 24.04
C GLY B 18 -17.69 -6.31 22.91
N TYR B 19 -18.42 -5.31 22.38
CA TYR B 19 -17.96 -4.44 21.30
C TYR B 19 -17.08 -3.30 21.80
N TYR B 20 -16.01 -3.00 21.05
CA TYR B 20 -15.07 -1.92 21.37
C TYR B 20 -15.69 -0.56 21.03
N ARG B 21 -15.39 0.47 21.85
CA ARG B 21 -15.92 1.84 21.76
C ARG B 21 -15.72 2.53 20.40
N VAL B 22 -14.59 2.28 19.71
CA VAL B 22 -14.18 2.83 18.40
C VAL B 22 -14.32 4.33 18.21
N ASN B 23 -13.19 5.05 18.27
CA ASN B 23 -13.14 6.50 18.09
C ASN B 23 -12.28 6.85 16.89
N ILE B 24 -12.78 7.75 16.02
CA ILE B 24 -12.06 8.21 14.83
C ILE B 24 -10.96 9.18 15.28
N GLY B 25 -9.73 8.88 14.89
CA GLY B 25 -8.55 9.66 15.25
C GLY B 25 -7.61 8.92 16.20
N GLU B 26 -8.11 7.82 16.79
CA GLU B 26 -7.36 6.98 17.72
C GLU B 26 -6.29 6.18 16.97
N VAL B 27 -5.10 6.04 17.58
CA VAL B 27 -3.99 5.31 16.99
C VAL B 27 -3.84 3.93 17.66
N LEU B 28 -3.98 2.86 16.85
CA LEU B 28 -3.88 1.48 17.31
C LEU B 28 -2.49 0.92 17.03
N ASP B 29 -1.90 0.20 18.03
CA ASP B 29 -0.56 -0.42 17.97
C ASP B 29 0.55 0.60 17.63
N LYS B 30 0.34 1.88 18.03
CA LYS B 30 1.22 3.04 17.80
C LYS B 30 1.52 3.33 16.31
N ARG B 31 0.66 2.84 15.39
CA ARG B 31 0.83 3.02 13.95
C ARG B 31 -0.46 3.17 13.14
N TYR B 32 -1.54 2.44 13.52
CA TYR B 32 -2.81 2.47 12.79
C TYR B 32 -3.76 3.58 13.20
N ASN B 33 -3.79 4.67 12.41
CA ASN B 33 -4.64 5.83 12.64
C ASN B 33 -6.03 5.60 12.03
N VAL B 34 -7.04 5.40 12.88
CA VAL B 34 -8.44 5.15 12.49
C VAL B 34 -9.05 6.43 11.94
N TYR B 35 -9.55 6.37 10.69
CA TYR B 35 -10.16 7.52 10.01
C TYR B 35 -11.64 7.34 9.65
N GLY B 36 -12.09 6.09 9.50
CA GLY B 36 -13.46 5.79 9.15
C GLY B 36 -13.95 4.40 9.53
N TYR B 37 -15.27 4.19 9.39
CA TYR B 37 -15.96 2.93 9.68
C TYR B 37 -16.25 2.14 8.41
N THR B 38 -16.49 0.82 8.56
CA THR B 38 -16.82 -0.10 7.47
C THR B 38 -18.04 -0.94 7.88
N GLY B 39 -18.10 -1.26 9.17
CA GLY B 39 -19.17 -2.06 9.77
C GLY B 39 -18.92 -2.32 11.24
N GLN B 40 -19.86 -1.87 12.11
CA GLN B 40 -19.78 -2.02 13.56
C GLN B 40 -21.06 -2.61 14.13
N SER B 44 -17.97 -8.58 15.26
CA SER B 44 -16.79 -7.72 15.40
C SER B 44 -16.90 -6.45 14.55
N ASN B 45 -16.20 -5.38 14.97
CA ASN B 45 -16.20 -4.10 14.27
C ASN B 45 -14.96 -3.95 13.37
N VAL B 46 -15.18 -3.59 12.10
CA VAL B 46 -14.12 -3.41 11.10
C VAL B 46 -13.98 -1.92 10.77
N VAL B 47 -12.78 -1.37 11.00
CA VAL B 47 -12.47 0.04 10.77
C VAL B 47 -11.39 0.24 9.69
N ARG B 48 -11.43 1.39 9.01
CA ARG B 48 -10.45 1.77 7.99
C ARG B 48 -9.36 2.57 8.68
N ALA B 49 -8.10 2.18 8.47
CA ALA B 49 -6.96 2.85 9.10
C ALA B 49 -5.80 3.11 8.15
N ARG B 50 -4.91 4.04 8.52
CA ARG B 50 -3.72 4.39 7.78
C ARG B 50 -2.49 4.05 8.63
N ASP B 51 -1.58 3.23 8.08
CA ASP B 51 -0.38 2.78 8.77
C ASP B 51 0.73 3.84 8.73
N ASN B 52 0.91 4.57 9.85
CA ASN B 52 1.93 5.62 10.01
C ASN B 52 3.36 5.08 9.91
N ALA B 53 3.56 3.79 10.21
CA ALA B 53 4.85 3.11 10.13
C ALA B 53 5.16 2.66 8.70
N ARG B 54 4.12 2.61 7.83
CA ARG B 54 4.25 2.20 6.43
C ARG B 54 3.75 3.28 5.45
N ALA B 55 4.21 4.53 5.65
CA ALA B 55 3.92 5.74 4.85
C ALA B 55 2.43 6.00 4.59
N ASN B 56 1.62 5.98 5.67
CA ASN B 56 0.16 6.22 5.67
C ASN B 56 -0.64 5.36 4.70
N GLN B 57 -0.20 4.10 4.47
CA GLN B 57 -0.91 3.18 3.57
C GLN B 57 -2.19 2.65 4.21
N GLU B 58 -3.23 2.46 3.38
CA GLU B 58 -4.54 2.00 3.81
C GLU B 58 -4.54 0.55 4.26
N VAL B 59 -5.19 0.28 5.40
CA VAL B 59 -5.36 -1.04 6.01
C VAL B 59 -6.76 -1.17 6.61
N ALA B 60 -7.24 -2.40 6.75
CA ALA B 60 -8.52 -2.70 7.38
C ALA B 60 -8.21 -3.42 8.70
N VAL B 61 -8.75 -2.91 9.82
CA VAL B 61 -8.51 -3.49 11.13
C VAL B 61 -9.81 -4.09 11.68
N LYS B 62 -9.82 -5.41 11.89
CA LYS B 62 -10.95 -6.16 12.43
C LYS B 62 -10.73 -6.33 13.94
N ILE B 63 -11.56 -5.65 14.74
CA ILE B 63 -11.49 -5.67 16.20
C ILE B 63 -12.50 -6.69 16.74
N ILE B 64 -12.00 -7.89 17.11
CA ILE B 64 -12.77 -9.03 17.63
C ILE B 64 -13.39 -8.69 19.00
N ARG B 65 -14.63 -9.17 19.24
CA ARG B 65 -15.38 -8.98 20.49
C ARG B 65 -14.67 -9.56 21.72
N ASN B 66 -14.93 -8.97 22.91
CA ASN B 66 -14.32 -9.36 24.19
C ASN B 66 -14.95 -10.59 24.87
N ASN B 67 -15.96 -11.21 24.21
CA ASN B 67 -16.66 -12.41 24.71
C ASN B 67 -15.75 -13.63 24.78
N GLU B 68 -16.11 -14.59 25.66
CA GLU B 68 -15.36 -15.84 25.90
C GLU B 68 -15.32 -16.73 24.65
N LEU B 69 -16.44 -16.77 23.90
CA LEU B 69 -16.58 -17.58 22.68
C LEU B 69 -16.09 -16.85 21.43
N MET B 70 -16.22 -15.50 21.39
CA MET B 70 -15.80 -14.67 20.27
C MET B 70 -14.28 -14.60 20.11
N GLN B 71 -13.54 -14.53 21.24
CA GLN B 71 -12.07 -14.51 21.25
C GLN B 71 -11.52 -15.88 20.84
N LYS B 72 -12.26 -16.96 21.19
CA LYS B 72 -11.95 -18.34 20.85
C LYS B 72 -12.04 -18.51 19.33
N THR B 73 -13.10 -17.97 18.71
CA THR B 73 -13.33 -18.00 17.26
C THR B 73 -12.38 -17.05 16.52
N GLY B 74 -11.94 -16.00 17.21
CA GLY B 74 -11.01 -15.00 16.70
C GLY B 74 -9.62 -15.56 16.46
N LEU B 75 -9.11 -16.35 17.45
CA LEU B 75 -7.81 -17.02 17.39
C LEU B 75 -7.86 -18.13 16.34
N LYS B 76 -9.04 -18.78 16.21
CA LYS B 76 -9.35 -19.82 15.25
C LYS B 76 -9.29 -19.21 13.83
N GLU B 77 -9.86 -17.99 13.66
CA GLU B 77 -9.86 -17.21 12.42
C GLU B 77 -8.41 -16.83 12.06
N LEU B 78 -7.63 -16.40 13.06
CA LEU B 78 -6.21 -16.02 12.94
C LEU B 78 -5.38 -17.20 12.45
N GLU B 79 -5.62 -18.41 13.02
CA GLU B 79 -4.92 -19.64 12.65
C GLU B 79 -5.27 -20.10 11.24
N PHE B 80 -6.56 -19.98 10.84
CA PHE B 80 -7.05 -20.35 9.51
C PHE B 80 -6.50 -19.45 8.42
N LEU B 81 -6.47 -18.12 8.65
CA LEU B 81 -5.94 -17.15 7.69
C LEU B 81 -4.43 -17.31 7.50
N LYS B 82 -3.70 -17.63 8.58
CA LYS B 82 -2.25 -17.88 8.54
C LYS B 82 -1.93 -19.12 7.68
N LYS B 83 -2.76 -20.18 7.80
CA LYS B 83 -2.63 -21.43 7.06
C LYS B 83 -2.86 -21.21 5.56
N LEU B 84 -3.91 -20.44 5.19
CA LEU B 84 -4.26 -20.15 3.80
C LEU B 84 -3.24 -19.26 3.11
N ASN B 85 -2.74 -18.22 3.80
CA ASN B 85 -1.76 -17.28 3.27
C ASN B 85 -0.39 -17.92 3.01
N ASP B 86 0.06 -18.81 3.93
CA ASP B 86 1.34 -19.53 3.80
C ASP B 86 1.35 -20.49 2.62
N ALA B 87 0.19 -21.13 2.34
CA ALA B 87 0.03 -22.06 1.23
C ALA B 87 -0.08 -21.35 -0.13
N ASP B 88 -0.44 -20.04 -0.12
CA ASP B 88 -0.57 -19.21 -1.31
C ASP B 88 0.39 -18.00 -1.22
N PRO B 89 1.71 -18.17 -1.50
CA PRO B 89 2.64 -17.04 -1.38
C PRO B 89 2.50 -15.97 -2.47
N ASP B 90 2.18 -16.37 -3.71
CA ASP B 90 2.02 -15.47 -4.85
C ASP B 90 0.64 -14.81 -4.94
N ASP B 91 -0.30 -15.18 -4.03
CA ASP B 91 -1.69 -14.66 -3.96
C ASP B 91 -2.43 -14.81 -5.29
N LYS B 92 -2.67 -16.07 -5.69
CA LYS B 92 -3.35 -16.42 -6.94
C LYS B 92 -4.67 -17.16 -6.69
N PHE B 93 -4.93 -17.55 -5.42
CA PHE B 93 -6.13 -18.29 -5.05
C PHE B 93 -7.23 -17.48 -4.34
N HIS B 94 -7.28 -16.17 -4.62
CA HIS B 94 -8.27 -15.18 -4.18
C HIS B 94 -8.86 -15.28 -2.75
N CYS B 95 -7.97 -15.37 -1.75
CA CYS B 95 -8.34 -15.39 -0.34
C CYS B 95 -7.79 -14.16 0.36
N LEU B 96 -8.54 -13.62 1.34
CA LEU B 96 -8.18 -12.43 2.12
C LEU B 96 -6.78 -12.53 2.72
N ARG B 97 -5.96 -11.49 2.54
CA ARG B 97 -4.59 -11.46 3.05
C ARG B 97 -4.50 -10.80 4.41
N LEU B 98 -4.06 -11.57 5.41
CA LEU B 98 -3.83 -11.10 6.77
C LEU B 98 -2.38 -10.62 6.81
N PHE B 99 -2.17 -9.36 7.23
CA PHE B 99 -0.84 -8.77 7.30
C PHE B 99 -0.16 -9.20 8.59
N ARG B 100 -0.80 -8.90 9.74
CA ARG B 100 -0.33 -9.22 11.09
C ARG B 100 -1.46 -9.07 12.11
N HIS B 101 -1.17 -9.37 13.39
CA HIS B 101 -2.14 -9.25 14.48
C HIS B 101 -1.53 -8.58 15.70
N PHE B 102 -2.38 -7.94 16.50
CA PHE B 102 -2.00 -7.27 17.74
C PHE B 102 -3.18 -7.24 18.72
N TYR B 103 -2.92 -6.80 19.96
CA TYR B 103 -3.94 -6.67 20.98
C TYR B 103 -4.15 -5.22 21.33
N HIS B 104 -5.40 -4.85 21.60
CA HIS B 104 -5.78 -3.48 21.98
C HIS B 104 -6.96 -3.52 22.94
N LYS B 105 -6.70 -3.11 24.20
CA LYS B 105 -7.67 -3.04 25.30
C LYS B 105 -8.48 -4.35 25.46
N GLN B 106 -7.77 -5.50 25.54
CA GLN B 106 -8.27 -6.87 25.69
C GLN B 106 -8.79 -7.54 24.39
N HIS B 107 -8.95 -6.75 23.30
CA HIS B 107 -9.46 -7.25 22.02
C HIS B 107 -8.36 -7.70 21.07
N LEU B 108 -8.60 -8.80 20.34
CA LEU B 108 -7.68 -9.29 19.33
C LEU B 108 -7.95 -8.50 18.04
N CYS B 109 -6.90 -7.87 17.49
CA CYS B 109 -7.03 -7.05 16.30
C CYS B 109 -6.30 -7.67 15.12
N LEU B 110 -7.02 -7.84 14.00
CA LEU B 110 -6.46 -8.43 12.79
C LEU B 110 -6.27 -7.35 11.72
N VAL B 111 -5.04 -7.22 11.21
CA VAL B 111 -4.69 -6.24 10.18
C VAL B 111 -4.83 -6.93 8.82
N PHE B 112 -5.76 -6.44 7.99
CA PHE B 112 -6.02 -7.00 6.67
C PHE B 112 -5.72 -6.01 5.56
N GLU B 113 -5.58 -6.53 4.33
CA GLU B 113 -5.37 -5.75 3.12
C GLU B 113 -6.61 -4.86 2.86
N PRO B 114 -6.47 -3.63 2.32
CA PRO B 114 -7.66 -2.81 2.10
C PRO B 114 -8.47 -3.24 0.87
N LEU B 115 -9.79 -3.40 1.05
CA LEU B 115 -10.72 -3.73 -0.01
C LEU B 115 -11.82 -2.67 -0.06
N SER B 116 -12.41 -2.44 -1.24
CA SER B 116 -13.43 -1.42 -1.44
C SER B 116 -14.77 -1.73 -0.75
N MET B 117 -15.46 -2.81 -1.17
CA MET B 117 -16.79 -3.19 -0.64
C MET B 117 -17.13 -4.67 -0.91
N ASN B 118 -18.13 -5.21 -0.18
CA ASN B 118 -18.57 -6.58 -0.38
C ASN B 118 -19.53 -6.67 -1.58
N LEU B 119 -19.78 -7.90 -2.09
CA LEU B 119 -20.66 -8.12 -3.24
C LEU B 119 -22.14 -7.78 -2.99
N ARG B 120 -22.57 -7.77 -1.71
CA ARG B 120 -23.93 -7.41 -1.33
C ARG B 120 -24.10 -5.90 -1.60
N GLU B 121 -23.07 -5.10 -1.30
CA GLU B 121 -23.02 -3.65 -1.51
C GLU B 121 -22.96 -3.30 -3.00
N VAL B 122 -22.22 -4.11 -3.81
CA VAL B 122 -22.13 -3.88 -5.26
C VAL B 122 -23.47 -4.17 -5.95
N LEU B 123 -24.18 -5.25 -5.52
CA LEU B 123 -25.49 -5.63 -6.06
C LEU B 123 -26.53 -4.55 -5.77
N LYS B 124 -26.47 -3.92 -4.58
CA LYS B 124 -27.36 -2.83 -4.17
C LYS B 124 -27.14 -1.61 -5.07
N LYS B 125 -25.86 -1.35 -5.45
CA LYS B 125 -25.47 -0.25 -6.33
C LYS B 125 -25.87 -0.53 -7.78
N TYR B 126 -26.03 -1.82 -8.15
CA TYR B 126 -26.44 -2.22 -9.50
C TYR B 126 -27.94 -2.07 -9.71
N GLY B 127 -28.71 -2.13 -8.62
CA GLY B 127 -30.16 -1.93 -8.66
C GLY B 127 -31.01 -3.08 -8.19
N LYS B 128 -32.33 -2.84 -8.12
CA LYS B 128 -33.36 -3.80 -7.71
C LYS B 128 -33.49 -4.91 -8.76
N ASP B 129 -33.03 -6.14 -8.41
CA ASP B 129 -33.05 -7.35 -9.25
C ASP B 129 -32.35 -7.16 -10.62
N VAL B 130 -31.29 -6.33 -10.66
CA VAL B 130 -30.54 -6.05 -11.88
C VAL B 130 -29.42 -7.09 -12.09
N GLY B 131 -28.55 -7.23 -11.09
CA GLY B 131 -27.42 -8.15 -11.15
C GLY B 131 -26.24 -7.58 -11.92
N LEU B 132 -25.12 -8.30 -11.87
CA LEU B 132 -23.87 -7.92 -12.52
C LEU B 132 -23.87 -8.41 -13.98
N HIS B 133 -22.96 -7.84 -14.80
CA HIS B 133 -22.80 -8.22 -16.22
C HIS B 133 -22.27 -9.66 -16.29
N ILE B 134 -22.68 -10.42 -17.33
CA ILE B 134 -22.26 -11.81 -17.52
C ILE B 134 -20.73 -12.01 -17.58
N LYS B 135 -20.00 -11.02 -18.12
CA LYS B 135 -18.53 -11.03 -18.19
C LYS B 135 -17.93 -10.90 -16.79
N ALA B 136 -18.60 -10.15 -15.90
CA ALA B 136 -18.16 -9.97 -14.51
C ALA B 136 -18.43 -11.25 -13.71
N VAL B 137 -19.60 -11.90 -13.93
CA VAL B 137 -19.99 -13.17 -13.29
C VAL B 137 -18.99 -14.28 -13.65
N ARG B 138 -18.57 -14.33 -14.92
CA ARG B 138 -17.58 -15.28 -15.45
C ARG B 138 -16.24 -15.17 -14.70
N SER B 139 -15.71 -13.94 -14.57
CA SER B 139 -14.45 -13.65 -13.88
C SER B 139 -14.58 -13.92 -12.38
N TYR B 140 -15.74 -13.56 -11.79
CA TYR B 140 -16.02 -13.74 -10.37
C TYR B 140 -16.13 -15.22 -9.99
N SER B 141 -16.74 -16.05 -10.88
CA SER B 141 -16.90 -17.49 -10.66
C SER B 141 -15.54 -18.20 -10.63
N GLN B 142 -14.65 -17.88 -11.59
CA GLN B 142 -13.29 -18.43 -11.70
C GLN B 142 -12.49 -18.14 -10.42
N GLN B 143 -12.54 -16.89 -9.94
CA GLN B 143 -11.86 -16.44 -8.72
C GLN B 143 -12.42 -17.13 -7.48
N LEU B 144 -13.75 -17.39 -7.46
CA LEU B 144 -14.45 -18.10 -6.39
C LEU B 144 -14.04 -19.57 -6.40
N PHE B 145 -13.90 -20.18 -7.59
CA PHE B 145 -13.47 -21.57 -7.74
C PHE B 145 -12.01 -21.76 -7.36
N LEU B 146 -11.16 -20.72 -7.53
CA LEU B 146 -9.75 -20.75 -7.13
C LEU B 146 -9.65 -20.69 -5.60
N ALA B 147 -10.60 -19.97 -4.95
CA ALA B 147 -10.69 -19.85 -3.50
C ALA B 147 -11.08 -21.20 -2.87
N LEU B 148 -11.97 -21.96 -3.53
CA LEU B 148 -12.41 -23.30 -3.09
C LEU B 148 -11.26 -24.30 -3.20
N LYS B 149 -10.39 -24.13 -4.22
CA LYS B 149 -9.22 -24.98 -4.50
C LYS B 149 -8.23 -24.92 -3.34
N LEU B 150 -7.89 -23.70 -2.86
CA LEU B 150 -6.97 -23.47 -1.74
C LEU B 150 -7.59 -23.93 -0.42
N LEU B 151 -8.91 -23.75 -0.27
CA LEU B 151 -9.69 -24.17 0.91
C LEU B 151 -9.61 -25.69 1.06
N LYS B 152 -9.72 -26.43 -0.07
CA LYS B 152 -9.64 -27.89 -0.13
C LYS B 152 -8.21 -28.38 0.15
N ARG B 153 -7.21 -27.69 -0.42
CA ARG B 153 -5.77 -27.99 -0.26
C ARG B 153 -5.31 -27.85 1.20
N CYS B 154 -5.93 -26.90 1.94
CA CYS B 154 -5.62 -26.63 3.34
C CYS B 154 -6.54 -27.36 4.32
N ASN B 155 -7.50 -28.17 3.77
CA ASN B 155 -8.51 -28.94 4.52
C ASN B 155 -9.37 -28.04 5.42
N ILE B 156 -9.82 -26.89 4.86
CA ILE B 156 -10.63 -25.89 5.55
C ILE B 156 -11.99 -25.73 4.86
N LEU B 157 -13.04 -25.60 5.68
CA LEU B 157 -14.42 -25.35 5.26
C LEU B 157 -14.70 -23.92 5.69
N HIS B 158 -15.05 -23.03 4.73
CA HIS B 158 -15.36 -21.62 5.04
C HIS B 158 -16.67 -21.55 5.83
N ALA B 159 -17.67 -22.36 5.40
CA ALA B 159 -18.99 -22.50 6.00
C ALA B 159 -19.84 -21.21 6.12
N ASP B 160 -19.57 -20.19 5.29
CA ASP B 160 -20.34 -18.93 5.26
C ASP B 160 -20.13 -18.13 3.97
N ILE B 161 -20.00 -18.83 2.83
CA ILE B 161 -19.82 -18.17 1.54
C ILE B 161 -21.14 -17.56 1.10
N LYS B 162 -21.13 -16.23 0.93
CA LYS B 162 -22.28 -15.41 0.53
C LYS B 162 -21.79 -14.04 0.01
N PRO B 163 -22.59 -13.26 -0.78
CA PRO B 163 -22.09 -11.97 -1.28
C PRO B 163 -21.53 -11.01 -0.22
N ASP B 164 -22.06 -11.07 1.02
CA ASP B 164 -21.64 -10.23 2.15
C ASP B 164 -20.21 -10.55 2.61
N ASN B 165 -19.75 -11.79 2.38
CA ASN B 165 -18.42 -12.27 2.78
C ASN B 165 -17.40 -12.35 1.63
N ILE B 166 -17.73 -11.74 0.49
CA ILE B 166 -16.83 -11.68 -0.67
C ILE B 166 -16.58 -10.19 -0.94
N LEU B 167 -15.36 -9.72 -0.61
CA LEU B 167 -14.96 -8.31 -0.79
C LEU B 167 -14.30 -8.12 -2.14
N VAL B 168 -14.40 -6.90 -2.69
CA VAL B 168 -13.84 -6.58 -4.00
C VAL B 168 -12.94 -5.32 -3.93
N ASN B 169 -11.95 -5.21 -4.84
CA ASN B 169 -11.05 -4.04 -4.91
C ASN B 169 -11.76 -2.83 -5.54
N GLU B 170 -11.11 -1.64 -5.52
CA GLU B 170 -11.64 -0.37 -6.05
C GLU B 170 -12.12 -0.48 -7.51
N SER B 171 -11.33 -1.12 -8.37
CA SER B 171 -11.63 -1.33 -9.79
C SER B 171 -12.68 -2.43 -10.02
N LYS B 172 -12.97 -3.23 -8.96
CA LYS B 172 -13.92 -4.35 -8.96
C LYS B 172 -13.55 -5.50 -9.91
N THR B 173 -12.24 -5.64 -10.19
CA THR B 173 -11.70 -6.70 -11.07
C THR B 173 -11.27 -7.91 -10.24
N ILE B 174 -10.75 -7.67 -9.03
CA ILE B 174 -10.26 -8.73 -8.14
C ILE B 174 -11.12 -8.84 -6.87
N LEU B 175 -11.63 -10.04 -6.58
CA LEU B 175 -12.37 -10.30 -5.34
C LEU B 175 -11.59 -11.20 -4.41
N LYS B 176 -11.91 -11.15 -3.12
CA LYS B 176 -11.28 -11.97 -2.09
C LYS B 176 -12.33 -12.52 -1.15
N LEU B 177 -12.21 -13.82 -0.83
CA LEU B 177 -13.11 -14.49 0.11
CA LEU B 177 -13.12 -14.48 0.11
C LEU B 177 -12.69 -14.05 1.50
N CYS B 178 -13.62 -13.45 2.26
CA CYS B 178 -13.35 -12.92 3.60
CA CYS B 178 -13.35 -12.93 3.61
C CYS B 178 -14.21 -13.60 4.67
N ASP B 179 -14.05 -13.17 5.95
CA ASP B 179 -14.77 -13.65 7.14
C ASP B 179 -14.63 -15.15 7.38
N PHE B 180 -13.56 -15.52 8.09
CA PHE B 180 -13.24 -16.91 8.44
C PHE B 180 -13.56 -17.19 9.92
N GLY B 181 -14.50 -16.42 10.47
CA GLY B 181 -14.97 -16.53 11.85
C GLY B 181 -15.74 -17.81 12.13
N SER B 182 -16.50 -18.29 11.12
CA SER B 182 -17.30 -19.51 11.23
C SER B 182 -16.64 -20.71 10.52
N ALA B 183 -15.39 -20.53 10.06
CA ALA B 183 -14.61 -21.57 9.37
C ALA B 183 -14.24 -22.73 10.31
N SER B 184 -14.06 -23.93 9.74
CA SER B 184 -13.71 -25.14 10.51
C SER B 184 -12.96 -26.18 9.67
N HIS B 185 -12.23 -27.09 10.35
CA HIS B 185 -11.48 -28.19 9.73
CA HIS B 185 -11.48 -28.17 9.71
C HIS B 185 -12.46 -29.28 9.31
N VAL B 186 -12.11 -30.07 8.27
CA VAL B 186 -12.93 -31.17 7.75
C VAL B 186 -13.13 -32.28 8.80
N ALA B 187 -12.06 -32.61 9.55
CA ALA B 187 -12.07 -33.64 10.60
C ALA B 187 -13.00 -33.26 11.77
N ASP B 188 -13.14 -31.95 12.03
CA ASP B 188 -13.99 -31.41 13.10
C ASP B 188 -15.39 -31.07 12.57
N ASN B 189 -15.99 -31.99 11.78
CA ASN B 189 -17.33 -31.83 11.22
C ASN B 189 -18.42 -32.17 12.23
N ASP B 190 -18.88 -31.13 12.97
CA ASP B 190 -19.90 -31.24 14.01
C ASP B 190 -21.29 -31.43 13.40
N ILE B 191 -22.13 -32.24 14.08
CA ILE B 191 -23.49 -32.52 13.65
C ILE B 191 -24.41 -31.36 14.07
N THR B 192 -24.64 -30.42 13.13
CA THR B 192 -25.49 -29.24 13.36
C THR B 192 -26.29 -28.86 12.09
N PRO B 193 -27.63 -28.68 12.20
CA PRO B 193 -28.40 -28.30 11.01
C PRO B 193 -28.43 -26.79 10.74
N PTR B 194 -27.71 -26.00 11.56
CA PTR B 194 -27.68 -24.54 11.46
C PTR B 194 -26.35 -23.96 10.94
O PTR B 194 -26.17 -22.75 11.01
CB PTR B 194 -28.15 -23.91 12.78
CG PTR B 194 -29.56 -24.38 13.12
CD1 PTR B 194 -30.59 -24.27 12.17
CD2 PTR B 194 -29.83 -24.96 14.37
CE1 PTR B 194 -31.89 -24.70 12.48
CE2 PTR B 194 -31.13 -25.39 14.69
CZ PTR B 194 -32.19 -25.29 13.73
OH PTR B 194 -33.51 -25.67 13.91
P PTR B 194 -33.83 -26.82 14.87
O1P PTR B 194 -35.26 -27.30 14.60
O2P PTR B 194 -32.89 -28.01 14.68
O3P PTR B 194 -33.74 -26.33 16.31
N LEU B 195 -25.45 -24.82 10.42
CA LEU B 195 -24.17 -24.38 9.85
C LEU B 195 -24.46 -23.72 8.49
N VAL B 196 -23.75 -22.60 8.18
CA VAL B 196 -23.89 -21.78 6.96
C VAL B 196 -25.17 -20.92 7.05
N SER B 197 -25.10 -19.66 6.56
CA SER B 197 -26.26 -18.75 6.52
C SER B 197 -27.35 -19.47 5.73
N ARG B 198 -28.55 -19.60 6.35
CA ARG B 198 -29.72 -20.34 5.85
C ARG B 198 -29.95 -20.40 4.34
N PHE B 199 -29.93 -19.25 3.63
CA PHE B 199 -30.17 -19.20 2.18
C PHE B 199 -29.10 -19.92 1.35
N TYR B 200 -27.89 -20.04 1.90
CA TYR B 200 -26.72 -20.63 1.25
C TYR B 200 -26.35 -22.00 1.85
N ARG B 201 -27.24 -22.54 2.71
CA ARG B 201 -27.08 -23.83 3.41
C ARG B 201 -27.35 -25.01 2.47
N ALA B 202 -26.36 -25.93 2.37
CA ALA B 202 -26.41 -27.14 1.54
C ALA B 202 -27.42 -28.16 2.10
N PRO B 203 -28.10 -28.98 1.25
CA PRO B 203 -29.09 -29.94 1.79
C PRO B 203 -28.55 -31.01 2.75
N GLU B 204 -27.25 -31.37 2.64
CA GLU B 204 -26.61 -32.37 3.51
C GLU B 204 -26.50 -31.90 4.97
N ILE B 205 -26.40 -30.57 5.19
CA ILE B 205 -26.34 -29.95 6.52
C ILE B 205 -27.70 -30.09 7.20
N ILE B 206 -28.78 -29.70 6.50
CA ILE B 206 -30.17 -29.73 6.96
C ILE B 206 -30.62 -31.15 7.34
N ILE B 207 -30.33 -32.14 6.46
CA ILE B 207 -30.70 -33.55 6.67
C ILE B 207 -29.84 -34.25 7.74
N GLY B 208 -28.61 -33.76 7.95
CA GLY B 208 -27.67 -34.30 8.92
C GLY B 208 -26.73 -35.36 8.35
N LYS B 209 -26.50 -35.29 7.03
CA LYS B 209 -25.61 -36.20 6.29
C LYS B 209 -24.16 -35.73 6.52
N SER B 210 -23.17 -36.65 6.32
CA SER B 210 -21.74 -36.34 6.46
C SER B 210 -21.35 -35.34 5.36
N TYR B 211 -20.83 -34.19 5.78
CA TYR B 211 -20.46 -33.10 4.86
C TYR B 211 -18.97 -32.79 4.84
N ASP B 212 -18.51 -32.23 3.70
CA ASP B 212 -17.12 -31.80 3.49
C ASP B 212 -17.06 -30.50 2.66
N TYR B 213 -16.17 -30.40 1.67
CA TYR B 213 -15.96 -29.24 0.81
C TYR B 213 -17.17 -28.86 -0.07
N GLY B 214 -18.06 -29.83 -0.29
CA GLY B 214 -19.27 -29.68 -1.08
C GLY B 214 -20.22 -28.58 -0.60
N ILE B 215 -20.20 -28.29 0.72
CA ILE B 215 -21.04 -27.25 1.34
C ILE B 215 -20.67 -25.86 0.86
N ASP B 216 -19.37 -25.62 0.63
CA ASP B 216 -18.82 -24.37 0.14
C ASP B 216 -19.06 -24.25 -1.38
N MET B 217 -19.03 -25.38 -2.11
CA MET B 217 -19.32 -25.43 -3.54
C MET B 217 -20.79 -25.06 -3.76
N TRP B 218 -21.71 -25.63 -2.94
CA TRP B 218 -23.14 -25.35 -2.97
C TRP B 218 -23.38 -23.85 -2.76
N SER B 219 -22.75 -23.27 -1.72
CA SER B 219 -22.84 -21.85 -1.38
C SER B 219 -22.43 -20.96 -2.55
N VAL B 220 -21.35 -21.34 -3.27
CA VAL B 220 -20.85 -20.64 -4.46
C VAL B 220 -21.91 -20.60 -5.57
N GLY B 221 -22.56 -21.75 -5.82
CA GLY B 221 -23.65 -21.86 -6.79
C GLY B 221 -24.82 -20.96 -6.46
N CYS B 222 -25.19 -20.88 -5.17
CA CYS B 222 -26.25 -20.00 -4.67
C CYS B 222 -25.86 -18.53 -4.94
N THR B 223 -24.58 -18.17 -4.71
CA THR B 223 -24.06 -16.81 -4.92
C THR B 223 -23.97 -16.44 -6.40
N LEU B 224 -23.56 -17.39 -7.28
CA LEU B 224 -23.45 -17.16 -8.72
C LEU B 224 -24.79 -16.77 -9.37
N TYR B 225 -25.89 -17.41 -8.92
CA TYR B 225 -27.24 -17.11 -9.39
C TYR B 225 -27.60 -15.69 -8.93
N GLU B 226 -27.31 -15.38 -7.65
CA GLU B 226 -27.57 -14.09 -7.00
C GLU B 226 -26.75 -12.96 -7.62
N LEU B 227 -25.52 -13.25 -8.07
CA LEU B 227 -24.62 -12.29 -8.70
C LEU B 227 -25.15 -11.82 -10.05
N TYR B 228 -25.73 -12.75 -10.85
CA TYR B 228 -26.28 -12.42 -12.16
C TYR B 228 -27.72 -11.90 -12.15
N THR B 229 -28.59 -12.45 -11.28
CA THR B 229 -30.00 -12.04 -11.19
C THR B 229 -30.29 -10.92 -10.19
N GLY B 230 -29.46 -10.80 -9.16
CA GLY B 230 -29.65 -9.83 -8.08
C GLY B 230 -30.64 -10.33 -7.05
N LYS B 231 -31.14 -11.58 -7.23
CA LYS B 231 -32.14 -12.24 -6.38
C LYS B 231 -31.56 -13.45 -5.65
N ILE B 232 -32.02 -13.69 -4.42
CA ILE B 232 -31.62 -14.84 -3.60
C ILE B 232 -32.23 -16.10 -4.24
N LEU B 233 -31.40 -17.12 -4.50
CA LEU B 233 -31.83 -18.38 -5.13
C LEU B 233 -32.87 -19.15 -4.31
N PHE B 234 -32.58 -19.39 -3.02
CA PHE B 234 -33.50 -20.11 -2.15
C PHE B 234 -33.85 -19.27 -0.92
N PRO B 235 -34.87 -18.37 -1.02
CA PRO B 235 -35.23 -17.53 0.13
C PRO B 235 -36.16 -18.23 1.12
N GLY B 236 -35.70 -19.36 1.66
CA GLY B 236 -36.43 -20.17 2.62
C GLY B 236 -36.47 -19.59 4.01
N LYS B 237 -37.67 -19.58 4.63
CA LYS B 237 -37.91 -19.05 5.97
C LYS B 237 -37.38 -19.97 7.05
N THR B 238 -37.42 -21.30 6.81
CA THR B 238 -36.95 -22.34 7.73
C THR B 238 -36.13 -23.39 6.97
N ASN B 239 -35.49 -24.32 7.71
CA ASN B 239 -34.71 -25.43 7.17
C ASN B 239 -35.55 -26.37 6.30
N ASN B 240 -36.82 -26.60 6.69
CA ASN B 240 -37.77 -27.43 5.96
C ASN B 240 -38.16 -26.76 4.63
N HIS B 241 -38.36 -25.43 4.65
CA HIS B 241 -38.70 -24.64 3.46
C HIS B 241 -37.52 -24.60 2.49
N MET B 242 -36.27 -24.65 3.02
CA MET B 242 -35.04 -24.66 2.24
C MET B 242 -34.96 -25.91 1.37
N LEU B 243 -35.30 -27.09 1.95
CA LEU B 243 -35.30 -28.38 1.25
C LEU B 243 -36.36 -28.39 0.15
N LYS B 244 -37.54 -27.78 0.41
CA LYS B 244 -38.66 -27.67 -0.54
C LYS B 244 -38.24 -26.91 -1.79
N LEU B 245 -37.58 -25.73 -1.62
CA LEU B 245 -37.10 -24.90 -2.71
C LEU B 245 -35.99 -25.58 -3.51
N ALA B 246 -35.10 -26.32 -2.82
CA ALA B 246 -34.00 -27.08 -3.44
C ALA B 246 -34.57 -28.24 -4.27
N MET B 247 -35.66 -28.86 -3.79
CA MET B 247 -36.35 -29.96 -4.48
C MET B 247 -37.25 -29.45 -5.60
N ASP B 248 -37.64 -28.16 -5.57
CA ASP B 248 -38.46 -27.52 -6.61
C ASP B 248 -37.67 -27.38 -7.93
N LEU B 249 -36.33 -27.46 -7.86
CA LEU B 249 -35.42 -27.36 -9.00
C LEU B 249 -34.89 -28.74 -9.45
N LYS B 250 -34.48 -29.58 -8.49
CA LYS B 250 -33.87 -30.89 -8.75
C LYS B 250 -34.77 -32.12 -8.58
N GLY B 251 -35.98 -31.93 -8.07
CA GLY B 251 -36.91 -33.02 -7.79
C GLY B 251 -36.67 -33.58 -6.41
N LYS B 252 -37.44 -34.61 -6.01
CA LYS B 252 -37.31 -35.24 -4.69
C LYS B 252 -35.89 -35.77 -4.44
N MET B 253 -35.37 -35.55 -3.23
CA MET B 253 -34.04 -35.98 -2.78
C MET B 253 -33.92 -37.52 -2.89
N PRO B 254 -32.80 -38.08 -3.42
CA PRO B 254 -32.70 -39.55 -3.55
C PRO B 254 -32.84 -40.29 -2.21
N ASN B 255 -33.47 -41.48 -2.25
CA ASN B 255 -33.75 -42.35 -1.10
C ASN B 255 -32.48 -42.74 -0.33
N LYS B 256 -31.36 -42.95 -1.05
CA LYS B 256 -30.07 -43.33 -0.50
C LYS B 256 -29.45 -42.20 0.35
N MET B 257 -29.73 -40.93 0.01
CA MET B 257 -29.23 -39.76 0.72
C MET B 257 -29.99 -39.50 2.03
N ILE B 258 -31.34 -39.63 2.00
CA ILE B 258 -32.21 -39.41 3.17
C ILE B 258 -31.88 -40.38 4.31
N ARG B 259 -31.61 -41.66 3.97
CA ARG B 259 -31.26 -42.72 4.92
C ARG B 259 -29.94 -42.42 5.67
N LYS B 260 -29.00 -41.73 5.01
CA LYS B 260 -27.70 -41.35 5.57
C LYS B 260 -27.79 -40.12 6.50
N GLY B 261 -28.90 -39.39 6.43
CA GLY B 261 -29.16 -38.20 7.24
C GLY B 261 -29.60 -38.50 8.65
N VAL B 262 -29.07 -37.73 9.63
CA VAL B 262 -29.37 -37.85 11.06
C VAL B 262 -30.72 -37.21 11.39
N PHE B 263 -30.99 -35.99 10.88
CA PHE B 263 -32.23 -35.26 11.11
C PHE B 263 -33.32 -35.54 10.05
N LYS B 264 -33.29 -36.75 9.45
CA LYS B 264 -34.25 -37.17 8.41
C LYS B 264 -35.71 -37.22 8.85
N ASP B 265 -35.97 -37.57 10.12
CA ASP B 265 -37.32 -37.69 10.70
C ASP B 265 -38.06 -36.35 10.82
N GLN B 266 -37.30 -35.24 10.92
CA GLN B 266 -37.85 -33.89 11.03
C GLN B 266 -38.43 -33.36 9.71
N HIS B 267 -37.97 -33.90 8.56
CA HIS B 267 -38.41 -33.46 7.23
C HIS B 267 -39.07 -34.55 6.37
N PHE B 268 -38.62 -35.82 6.53
CA PHE B 268 -39.15 -36.95 5.77
C PHE B 268 -39.77 -37.99 6.69
N ASP B 269 -40.94 -38.55 6.29
CA ASP B 269 -41.66 -39.58 7.05
C ASP B 269 -41.05 -40.99 6.86
N GLN B 270 -41.71 -42.02 7.42
CA GLN B 270 -41.29 -43.42 7.35
C GLN B 270 -41.24 -43.98 5.92
N ASN B 271 -42.12 -43.48 5.02
CA ASN B 271 -42.19 -43.88 3.62
C ASN B 271 -41.26 -43.05 2.73
N LEU B 272 -40.37 -42.24 3.35
CA LEU B 272 -39.38 -41.35 2.72
C LEU B 272 -40.00 -40.23 1.87
N ASN B 273 -41.24 -39.84 2.20
CA ASN B 273 -41.97 -38.75 1.52
C ASN B 273 -41.75 -37.45 2.31
N PHE B 274 -41.58 -36.33 1.58
CA PHE B 274 -41.33 -35.03 2.19
C PHE B 274 -42.55 -34.43 2.89
N MET B 275 -42.35 -33.99 4.14
CA MET B 275 -43.38 -33.37 4.99
C MET B 275 -43.18 -31.86 5.01
N TYR B 276 -43.90 -31.14 4.12
CA TYR B 276 -43.82 -29.68 4.00
C TYR B 276 -44.68 -28.99 5.07
N ILE B 277 -44.06 -28.07 5.83
CA ILE B 277 -44.70 -27.32 6.91
C ILE B 277 -45.12 -25.92 6.44
N GLU B 278 -46.42 -25.59 6.62
CA GLU B 278 -47.00 -24.31 6.23
C GLU B 278 -47.62 -23.60 7.44
N VAL B 279 -47.51 -22.25 7.48
CA VAL B 279 -48.05 -21.44 8.57
C VAL B 279 -49.38 -20.80 8.13
N ASP B 280 -50.44 -20.98 8.94
CA ASP B 280 -51.81 -20.49 8.75
C ASP B 280 -52.52 -21.06 7.52
N GLU B 284 -52.39 -18.22 13.79
CA GLU B 284 -51.61 -18.96 12.80
C GLU B 284 -51.07 -20.26 13.40
N ARG B 285 -51.42 -21.41 12.78
CA ARG B 285 -51.00 -22.74 13.21
C ARG B 285 -50.25 -23.49 12.11
N GLU B 286 -49.31 -24.38 12.50
CA GLU B 286 -48.51 -25.18 11.58
C GLU B 286 -49.30 -26.33 10.96
N LYS B 287 -49.30 -26.40 9.61
CA LYS B 287 -49.99 -27.42 8.83
C LYS B 287 -48.98 -28.25 8.04
N VAL B 288 -49.07 -29.60 8.14
CA VAL B 288 -48.16 -30.52 7.47
C VAL B 288 -48.80 -31.12 6.21
N THR B 289 -48.11 -30.98 5.06
CA THR B 289 -48.54 -31.52 3.76
C THR B 289 -47.52 -32.52 3.21
N VAL B 290 -47.91 -33.81 3.13
CA VAL B 290 -47.08 -34.91 2.66
C VAL B 290 -47.03 -34.93 1.13
N MET B 291 -45.80 -34.95 0.57
CA MET B 291 -45.56 -34.98 -0.88
C MET B 291 -44.83 -36.25 -1.28
N SER B 292 -45.49 -37.08 -2.12
CA SER B 292 -44.94 -38.35 -2.62
C SER B 292 -43.85 -38.09 -3.67
N THR B 293 -44.10 -37.16 -4.60
CA THR B 293 -43.18 -36.77 -5.68
C THR B 293 -43.19 -35.25 -5.86
N ILE B 294 -41.99 -34.63 -5.93
CA ILE B 294 -41.83 -33.20 -6.14
C ILE B 294 -41.35 -32.98 -7.58
N ASN B 295 -42.20 -32.35 -8.41
CA ASN B 295 -41.90 -32.09 -9.81
C ASN B 295 -41.00 -30.86 -9.99
N PRO B 296 -39.96 -30.93 -10.86
CA PRO B 296 -39.09 -29.75 -11.04
C PRO B 296 -39.81 -28.61 -11.76
N THR B 297 -40.33 -27.66 -10.96
CA THR B 297 -41.09 -26.48 -11.43
C THR B 297 -40.22 -25.23 -11.61
N LYS B 298 -39.10 -25.15 -10.87
CA LYS B 298 -38.17 -24.01 -10.91
C LYS B 298 -37.41 -23.95 -12.24
N ASP B 299 -37.84 -23.04 -13.14
CA ASP B 299 -37.21 -22.84 -14.44
C ASP B 299 -36.01 -21.91 -14.24
N LEU B 300 -34.82 -22.50 -14.09
CA LEU B 300 -33.56 -21.79 -13.85
C LEU B 300 -33.17 -20.89 -15.04
N LEU B 301 -33.41 -21.37 -16.28
CA LEU B 301 -33.12 -20.63 -17.52
C LEU B 301 -33.94 -19.34 -17.63
N ALA B 302 -35.27 -19.44 -17.41
CA ALA B 302 -36.21 -18.31 -17.48
C ALA B 302 -35.92 -17.24 -16.42
N ASP B 303 -35.52 -17.67 -15.21
CA ASP B 303 -35.19 -16.77 -14.11
C ASP B 303 -33.87 -16.04 -14.31
N LEU B 304 -32.89 -16.68 -14.99
CA LEU B 304 -31.58 -16.09 -15.28
C LEU B 304 -31.65 -14.98 -16.33
N ILE B 305 -32.28 -15.26 -17.50
CA ILE B 305 -32.41 -14.26 -18.58
C ILE B 305 -33.42 -13.18 -18.19
N GLN B 308 -34.65 -10.30 -19.41
CA GLN B 308 -34.08 -9.17 -20.13
C GLN B 308 -33.99 -9.40 -21.64
N ARG B 309 -33.50 -10.60 -22.06
CA ARG B 309 -33.32 -11.07 -23.45
C ARG B 309 -32.73 -10.03 -24.41
N LEU B 310 -31.38 -9.97 -24.51
CA LEU B 310 -30.73 -9.00 -25.38
C LEU B 310 -29.90 -9.57 -26.59
N PRO B 311 -28.54 -9.71 -26.59
CA PRO B 311 -27.87 -10.23 -27.80
C PRO B 311 -27.70 -11.75 -27.81
N GLU B 312 -26.86 -12.27 -28.72
CA GLU B 312 -26.56 -13.70 -28.86
C GLU B 312 -25.28 -14.12 -28.15
N ASP B 313 -24.27 -13.22 -28.10
CA ASP B 313 -22.98 -13.47 -27.43
C ASP B 313 -23.14 -13.58 -25.91
N GLN B 314 -24.10 -12.81 -25.35
CA GLN B 314 -24.42 -12.81 -23.93
C GLN B 314 -25.36 -13.96 -23.58
N ARG B 315 -26.29 -14.30 -24.50
CA ARG B 315 -27.27 -15.38 -24.38
C ARG B 315 -26.60 -16.75 -24.22
N LYS B 316 -25.58 -17.05 -25.08
CA LYS B 316 -24.82 -18.30 -25.05
C LYS B 316 -24.08 -18.48 -23.72
N LYS B 317 -23.63 -17.36 -23.13
CA LYS B 317 -22.94 -17.33 -21.84
C LYS B 317 -23.90 -17.63 -20.68
N VAL B 318 -25.18 -17.20 -20.78
CA VAL B 318 -26.23 -17.45 -19.77
C VAL B 318 -26.56 -18.94 -19.73
N HIS B 319 -26.69 -19.58 -20.92
CA HIS B 319 -26.96 -21.01 -21.07
C HIS B 319 -25.84 -21.85 -20.45
N GLN B 320 -24.58 -21.35 -20.55
CA GLN B 320 -23.38 -21.97 -19.99
C GLN B 320 -23.39 -21.86 -18.46
N LEU B 321 -23.85 -20.70 -17.93
CA LEU B 321 -23.97 -20.45 -16.49
C LEU B 321 -25.05 -21.38 -15.92
N LYS B 322 -26.18 -21.52 -16.63
CA LYS B 322 -27.32 -22.38 -16.27
C LYS B 322 -26.86 -23.85 -16.13
N ASP B 323 -26.04 -24.33 -17.09
CA ASP B 323 -25.49 -25.69 -17.11
C ASP B 323 -24.51 -25.89 -15.96
N LEU B 324 -23.68 -24.86 -15.66
CA LEU B 324 -22.72 -24.88 -14.57
C LEU B 324 -23.45 -24.93 -13.22
N LEU B 325 -24.53 -24.14 -13.07
CA LEU B 325 -25.37 -24.10 -11.86
C LEU B 325 -26.08 -25.43 -11.64
N ASP B 326 -26.49 -26.10 -12.74
CA ASP B 326 -27.15 -27.41 -12.71
C ASP B 326 -26.20 -28.46 -12.10
N GLN B 327 -24.91 -28.39 -12.45
CA GLN B 327 -23.86 -29.30 -11.95
C GLN B 327 -23.50 -29.00 -10.49
N ILE B 328 -23.54 -27.71 -10.09
CA ILE B 328 -23.24 -27.28 -8.72
C ILE B 328 -24.41 -27.63 -7.78
N LEU B 329 -25.65 -27.32 -8.20
CA LEU B 329 -26.84 -27.51 -7.36
C LEU B 329 -27.41 -28.94 -7.26
N MET B 330 -26.55 -29.96 -7.41
CA MET B 330 -26.95 -31.36 -7.25
C MET B 330 -27.21 -31.59 -5.75
N LEU B 331 -28.35 -32.21 -5.41
CA LEU B 331 -28.74 -32.47 -4.02
C LEU B 331 -27.73 -33.37 -3.28
N ASP B 332 -27.17 -34.36 -3.99
CA ASP B 332 -26.18 -35.29 -3.46
C ASP B 332 -24.77 -34.72 -3.63
N PRO B 333 -23.99 -34.51 -2.52
CA PRO B 333 -22.63 -33.95 -2.67
C PRO B 333 -21.64 -34.85 -3.41
N ALA B 334 -21.94 -36.15 -3.53
CA ALA B 334 -21.10 -37.12 -4.25
C ALA B 334 -21.26 -36.93 -5.76
N LYS B 335 -22.46 -36.50 -6.20
CA LYS B 335 -22.81 -36.26 -7.62
C LYS B 335 -22.53 -34.81 -8.04
N ARG B 336 -22.06 -33.98 -7.08
CA ARG B 336 -21.73 -32.56 -7.27
C ARG B 336 -20.48 -32.38 -8.10
N ILE B 337 -20.42 -31.30 -8.90
CA ILE B 337 -19.26 -30.96 -9.72
C ILE B 337 -18.05 -30.63 -8.82
N SER B 338 -16.87 -31.16 -9.16
CA SER B 338 -15.64 -30.91 -8.41
C SER B 338 -15.06 -29.54 -8.77
N ILE B 339 -14.11 -29.03 -7.96
CA ILE B 339 -13.45 -27.75 -8.16
C ILE B 339 -12.70 -27.70 -9.50
N ASN B 340 -11.95 -28.78 -9.83
CA ASN B 340 -11.19 -28.91 -11.08
C ASN B 340 -12.09 -28.87 -12.31
N GLN B 341 -13.25 -29.55 -12.24
CA GLN B 341 -14.24 -29.60 -13.33
C GLN B 341 -14.97 -28.26 -13.49
N ALA B 342 -15.16 -27.52 -12.38
CA ALA B 342 -15.81 -26.21 -12.37
C ALA B 342 -14.94 -25.15 -13.07
N LEU B 343 -13.61 -25.22 -12.86
CA LEU B 343 -12.63 -24.31 -13.49
C LEU B 343 -12.48 -24.61 -14.99
N GLN B 344 -12.71 -25.88 -15.38
CA GLN B 344 -12.60 -26.34 -16.77
C GLN B 344 -13.92 -26.24 -17.56
N HIS B 345 -15.00 -25.76 -16.91
CA HIS B 345 -16.32 -25.60 -17.52
C HIS B 345 -16.30 -24.56 -18.65
N ALA B 346 -17.14 -24.75 -19.67
CA ALA B 346 -17.27 -23.90 -20.86
C ALA B 346 -17.57 -22.42 -20.53
N PHE B 347 -18.28 -22.17 -19.41
CA PHE B 347 -18.63 -20.83 -18.94
C PHE B 347 -17.39 -20.02 -18.55
N ILE B 348 -16.41 -20.65 -17.87
CA ILE B 348 -15.16 -20.00 -17.46
C ILE B 348 -14.10 -19.98 -18.56
N GLN B 349 -13.84 -21.14 -19.20
CA GLN B 349 -12.84 -21.32 -20.26
C GLN B 349 -12.93 -20.32 -21.41
N GLU B 350 -14.17 -20.01 -21.87
CA GLU B 350 -14.54 -19.02 -22.90
C GLU B 350 -16.02 -19.14 -23.24
PG ANP C . 23.58 8.41 -4.57
O1G ANP C . 22.65 9.65 -4.18
O2G ANP C . 23.45 8.06 -6.00
O3G ANP C . 25.06 8.91 -4.18
PB ANP C . 22.76 5.78 -4.03
O1B ANP C . 22.77 5.71 -5.64
O2B ANP C . 23.65 4.74 -3.47
N3B ANP C . 23.21 7.25 -3.47
PA ANP C . 20.03 6.61 -3.53
O1A ANP C . 20.60 8.04 -3.96
O2A ANP C . 19.38 6.66 -2.21
O3A ANP C . 21.22 5.51 -3.59
O5' ANP C . 19.01 6.23 -4.71
C5' ANP C . 19.37 6.59 -6.05
C4' ANP C . 18.14 6.69 -6.94
O4' ANP C . 17.34 5.52 -6.67
C3' ANP C . 17.26 7.87 -6.53
O3' ANP C . 17.67 9.07 -7.19
C2' ANP C . 15.91 7.39 -7.04
O2' ANP C . 15.81 7.54 -8.47
C1' ANP C . 15.95 5.91 -6.68
N9 ANP C . 15.29 5.81 -5.36
C8 ANP C . 15.86 5.98 -4.17
N7 ANP C . 14.92 5.86 -3.22
C5 ANP C . 13.76 5.62 -3.81
C6 ANP C . 12.46 5.42 -3.36
N6 ANP C . 12.18 5.43 -2.07
N1 ANP C . 11.48 5.20 -4.27
C2 ANP C . 11.73 5.18 -5.57
N3 ANP C . 12.97 5.37 -6.03
C4 ANP C . 13.99 5.58 -5.19
S SO4 D . 34.95 17.50 -5.38
O1 SO4 D . 35.27 18.91 -5.10
O2 SO4 D . 35.12 16.71 -4.15
O3 SO4 D . 33.58 17.39 -5.84
O4 SO4 D . 35.86 17.00 -6.40
MG MG E . 23.24 6.49 -7.40
PG ANP F . -19.86 -11.20 9.86
O1G ANP F . -19.63 -11.70 8.36
O2G ANP F . -20.63 -9.93 9.91
O3G ANP F . -20.60 -12.42 10.56
PB ANP F . -17.84 -9.77 11.21
O1B ANP F . -18.93 -8.59 11.07
O2B ANP F . -17.50 -10.00 12.64
N3B ANP F . -18.35 -11.16 10.52
PA ANP F . -16.26 -9.43 8.81
O1A ANP F . -17.50 -10.17 8.12
O2A ANP F . -14.98 -10.11 8.51
O3A ANP F . -16.53 -9.26 10.39
O5' ANP F . -16.33 -7.95 8.19
C5' ANP F . -17.62 -7.34 8.05
C4' ANP F . -17.59 -6.24 6.98
O4' ANP F . -16.42 -5.42 7.27
C3' ANP F . -17.32 -6.83 5.60
O3' ANP F . -18.55 -7.21 4.97
C2' ANP F . -16.69 -5.63 4.90
O2' ANP F . -17.68 -4.67 4.53
C1' ANP F . -15.80 -5.07 6.00
N9 ANP F . -14.46 -5.67 5.80
C8 ANP F . -14.03 -6.86 6.23
N7 ANP F . -12.79 -7.07 5.79
C5 ANP F . -12.43 -6.01 5.07
C6 ANP F . -11.27 -5.67 4.37
N6 ANP F . -10.22 -6.48 4.35
N1 ANP F . -11.24 -4.48 3.72
C2 ANP F . -12.28 -3.66 3.74
N3 ANP F . -13.40 -3.97 4.39
C4 ANP F . -13.50 -5.13 5.06
S SO4 G . 5.35 -5.32 8.97
O1 SO4 G . 4.35 -4.98 7.98
O2 SO4 G . 5.45 -4.24 9.95
O3 SO4 G . 4.94 -6.56 9.64
O4 SO4 G . 6.64 -5.53 8.31
S SO4 H . -31.19 -20.29 11.16
O1 SO4 H . -29.74 -20.13 11.01
O2 SO4 H . -31.85 -19.02 10.90
O3 SO4 H . -31.68 -21.31 10.22
O4 SO4 H . -31.50 -20.72 12.53
S SO4 I . -4.65 -29.73 -6.32
O1 SO4 I . -4.76 -28.36 -6.81
O2 SO4 I . -5.18 -29.81 -4.97
O3 SO4 I . -5.40 -30.62 -7.21
O4 SO4 I . -3.23 -30.13 -6.32
#